data_4RIT
#
_entry.id   4RIT
#
_cell.length_a   77.483
_cell.length_b   118.566
_cell.length_c   126.018
_cell.angle_alpha   90.00
_cell.angle_beta   90.00
_cell.angle_gamma   90.00
#
_symmetry.space_group_name_H-M   'P 21 21 21'
#
loop_
_entity.id
_entity.type
_entity.pdbx_description
1 polymer 'Pyridoxal-dependent decarboxylase'
2 non-polymer 'CHLORIDE ION'
3 non-polymer GLYCEROL
4 non-polymer 2-AMINO-2-HYDROXYMETHYL-PROPANE-1,3-DIOL
5 water water
#
_entity_poly.entity_id   1
_entity_poly.type   'polypeptide(L)'
_entity_poly.pdbx_seq_one_letter_code
;SNA(MSE)DSRFLPATAFIDPEGRNRNEVERLVQQVVDLILAKLTGAAERPP(MSE)PETVDLPGPITIPEAAATEATLL
QAIRD(MSE)VDGS(MSE)NPANPGYIGH(MSE)DP(MSE)PAT(MSE)AILGDLVAAAVNNN(MSE)LSLE(MSE)SPS
FSRLETLLLRAIAGLFGLGEQAGGVLTSGGSLANLQALAVARNVAFDSVEPGITGLAQRPVIFASEAAHTSLQKAA
(MSE)LLGLGTAAVIPVRATADSR(MSE)DPEDLRARIDQARGAGQHPFCVVATAGTTTTGNIDPLAEIGAIAREHGLWF
HVDAAYGGALVFSERHRWRLAGIEQADSITFNPQ(LLP)WLYVAKTCA(MSE)VLFRDAGVLERAFRIPAPY(MSE)RAT
DGFINLGEIGVQGTRHADVVKLWLTLQHIGQQGYARLIDDGYRLAERVVEGVRQRPFLRLAGEIDTNIVCFRGEPDWLPA
ERWDDWNAALQALLLREGKIFLSLPVYRGGRWLRAVLLNPYTTDAVIDA(MSE)FKQIDRFAGRERGQER
;
_entity_poly.pdbx_strand_id   B,A
#
# COMPACT_ATOMS: atom_id res chain seq x y z
N PHE A 8 11.58 -4.19 -30.20
CA PHE A 8 12.37 -5.32 -29.72
C PHE A 8 12.09 -5.53 -28.26
N LEU A 9 12.12 -6.79 -27.81
CA LEU A 9 12.02 -7.14 -26.39
C LEU A 9 13.14 -8.09 -25.98
N PRO A 10 13.77 -7.85 -24.82
CA PRO A 10 14.80 -8.84 -24.43
C PRO A 10 14.23 -10.24 -24.22
N ALA A 11 15.11 -11.25 -24.40
CA ALA A 11 14.74 -12.66 -24.31
C ALA A 11 14.16 -13.03 -22.95
N THR A 12 14.46 -12.26 -21.90
CA THR A 12 13.98 -12.60 -20.56
C THR A 12 13.08 -11.53 -19.96
N ALA A 13 12.58 -10.61 -20.78
CA ALA A 13 11.67 -9.58 -20.29
C ALA A 13 10.46 -10.19 -19.57
N PHE A 14 9.98 -11.32 -20.09
CA PHE A 14 8.88 -12.06 -19.47
C PHE A 14 9.26 -13.53 -19.39
N ILE A 15 8.55 -14.30 -18.58
CA ILE A 15 8.79 -15.73 -18.53
C ILE A 15 7.81 -16.42 -19.46
N ASP A 16 8.32 -17.08 -20.47
CA ASP A 16 7.49 -17.74 -21.45
C ASP A 16 6.71 -18.89 -20.79
N PRO A 17 5.36 -18.86 -20.89
CA PRO A 17 4.55 -19.85 -20.16
C PRO A 17 4.62 -21.24 -20.81
N GLU A 18 5.30 -21.37 -21.94
CA GLU A 18 5.49 -22.67 -22.56
C GLU A 18 6.97 -23.10 -22.58
N GLY A 19 7.77 -22.46 -21.73
CA GLY A 19 9.11 -22.93 -21.43
C GLY A 19 10.18 -22.49 -22.40
N ARG A 20 9.81 -21.72 -23.42
CA ARG A 20 10.75 -21.48 -24.52
C ARG A 20 11.97 -20.63 -24.12
N ASN A 21 11.89 -19.89 -23.03
CA ASN A 21 13.09 -19.18 -22.53
C ASN A 21 13.49 -19.64 -21.13
N ARG A 22 13.19 -20.90 -20.80
CA ARG A 22 13.41 -21.38 -19.45
C ARG A 22 14.86 -21.24 -19.00
N ASN A 23 15.79 -21.67 -19.84
CA ASN A 23 17.19 -21.68 -19.40
C ASN A 23 17.69 -20.27 -19.12
N GLU A 24 17.34 -19.34 -20.00
CA GLU A 24 17.73 -17.95 -19.88
C GLU A 24 17.14 -17.30 -18.61
N VAL A 25 15.86 -17.56 -18.36
CA VAL A 25 15.21 -17.05 -17.19
C VAL A 25 15.81 -17.63 -15.92
N GLU A 26 16.07 -18.93 -15.92
CA GLU A 26 16.59 -19.60 -14.74
C GLU A 26 17.96 -18.97 -14.37
N ARG A 27 18.78 -18.73 -15.39
CA ARG A 27 20.10 -18.14 -15.19
C ARG A 27 20.03 -16.76 -14.59
N LEU A 28 19.15 -15.92 -15.15
CA LEU A 28 18.96 -14.55 -14.66
C LEU A 28 18.43 -14.55 -13.23
N VAL A 29 17.39 -15.33 -12.96
CA VAL A 29 16.86 -15.41 -11.61
C VAL A 29 17.92 -15.88 -10.62
N GLN A 30 18.72 -16.87 -11.06
CA GLN A 30 19.71 -17.43 -10.15
C GLN A 30 20.78 -16.40 -9.80
N GLN A 31 21.17 -15.56 -10.75
CA GLN A 31 22.18 -14.52 -10.47
C GLN A 31 21.67 -13.54 -9.42
N VAL A 32 20.38 -13.16 -9.53
CA VAL A 32 19.81 -12.24 -8.55
C VAL A 32 19.68 -12.93 -7.18
N VAL A 33 19.20 -14.17 -7.18
CA VAL A 33 19.07 -14.90 -5.89
C VAL A 33 20.43 -15.06 -5.19
N ASP A 34 21.46 -15.40 -5.96
CA ASP A 34 22.79 -15.60 -5.38
C ASP A 34 23.33 -14.30 -4.82
N LEU A 35 23.09 -13.22 -5.54
CA LEU A 35 23.53 -11.90 -5.08
C LEU A 35 22.84 -11.55 -3.74
N ILE A 36 21.54 -11.69 -3.71
CA ILE A 36 20.77 -11.39 -2.51
C ILE A 36 21.23 -12.27 -1.35
N LEU A 37 21.38 -13.58 -1.58
CA LEU A 37 21.80 -14.47 -0.49
C LEU A 37 23.19 -14.10 0.04
N ALA A 38 24.08 -13.71 -0.87
CA ALA A 38 25.41 -13.31 -0.43
C ALA A 38 25.33 -12.06 0.44
N LYS A 39 24.48 -11.11 0.04
CA LYS A 39 24.38 -9.85 0.77
C LYS A 39 23.70 -10.06 2.12
N LEU A 40 22.74 -10.98 2.19
CA LEU A 40 22.03 -11.17 3.48
C LEU A 40 22.79 -12.11 4.41
N THR A 41 23.34 -13.20 3.89
CA THR A 41 24.11 -14.10 4.78
C THR A 41 25.41 -13.41 5.22
N GLY A 42 25.80 -12.34 4.50
CA GLY A 42 26.95 -11.53 4.85
C GLY A 42 26.56 -10.11 5.26
N ALA A 43 25.36 -9.93 5.78
CA ALA A 43 24.87 -8.59 6.08
C ALA A 43 25.70 -7.86 7.13
N ALA A 44 26.34 -8.60 8.03
CA ALA A 44 27.11 -7.96 9.08
C ALA A 44 28.38 -7.33 8.47
N GLU A 45 28.68 -7.59 7.20
CA GLU A 45 29.84 -6.95 6.57
C GLU A 45 29.49 -5.51 6.18
N ARG A 46 28.21 -5.13 6.18
CA ARG A 46 27.80 -3.76 5.83
C ARG A 46 27.31 -3.06 7.08
N PRO A 47 27.62 -1.75 7.23
CA PRO A 47 27.21 -1.07 8.47
C PRO A 47 25.69 -0.89 8.53
N PRO A 48 25.16 -0.54 9.70
CA PRO A 48 23.69 -0.42 9.82
C PRO A 48 23.14 0.67 8.87
N PRO A 50 24.14 3.26 5.40
CA PRO A 50 25.20 3.32 4.37
C PRO A 50 26.09 4.57 4.38
N GLU A 51 27.25 4.47 3.74
CA GLU A 51 28.16 5.60 3.60
C GLU A 51 27.52 6.70 2.77
N THR A 52 27.90 7.93 3.04
CA THR A 52 27.14 9.08 2.56
C THR A 52 27.01 9.06 1.04
N VAL A 53 25.80 9.41 0.60
CA VAL A 53 25.19 8.94 -0.63
C VAL A 53 25.82 9.29 -1.98
N ASP A 54 26.30 10.53 -2.14
CA ASP A 54 26.75 11.07 -3.44
C ASP A 54 25.71 11.76 -4.38
N LEU A 55 24.52 12.04 -3.88
CA LEU A 55 23.57 12.96 -4.54
C LEU A 55 23.14 12.72 -6.01
N PRO A 56 22.71 11.50 -6.34
CA PRO A 56 22.41 11.12 -7.74
C PRO A 56 21.69 12.19 -8.56
N GLY A 57 21.97 12.22 -9.87
CA GLY A 57 21.51 13.30 -10.72
C GLY A 57 20.33 12.86 -11.59
N PRO A 58 19.80 13.77 -12.42
CA PRO A 58 18.55 13.49 -13.16
C PRO A 58 18.53 12.12 -13.87
N ILE A 59 17.34 11.55 -13.90
CA ILE A 59 17.12 10.19 -14.38
C ILE A 59 16.51 10.29 -15.75
N THR A 60 16.93 9.43 -16.67
CA THR A 60 16.25 9.39 -17.95
C THR A 60 15.75 7.96 -18.15
N ILE A 61 14.54 7.80 -18.67
CA ILE A 61 14.05 6.44 -18.89
C ILE A 61 14.63 5.98 -20.21
N PRO A 62 15.31 4.82 -20.23
CA PRO A 62 16.03 4.50 -21.47
C PRO A 62 15.12 4.04 -22.59
N GLU A 63 15.56 4.35 -23.81
CA GLU A 63 14.93 3.92 -25.02
C GLU A 63 15.14 2.43 -25.21
N ALA A 64 16.40 1.98 -25.09
CA ALA A 64 16.74 0.61 -25.41
C ALA A 64 16.83 -0.22 -24.13
N ALA A 65 16.61 -1.53 -24.26
CA ALA A 65 16.67 -2.47 -23.13
C ALA A 65 18.04 -2.46 -22.48
N ALA A 66 18.10 -2.49 -21.15
CA ALA A 66 19.35 -2.60 -20.44
C ALA A 66 19.85 -4.05 -20.49
N THR A 67 21.16 -4.24 -20.41
CA THR A 67 21.74 -5.57 -20.35
C THR A 67 21.49 -6.19 -18.97
N GLU A 68 21.54 -7.51 -18.89
CA GLU A 68 21.42 -8.16 -17.58
C GLU A 68 22.59 -7.75 -16.67
N ALA A 69 23.77 -7.51 -17.25
CA ALA A 69 24.90 -6.99 -16.47
C ALA A 69 24.59 -5.64 -15.79
N THR A 70 23.98 -4.73 -16.54
CA THR A 70 23.63 -3.42 -16.01
C THR A 70 22.60 -3.58 -14.88
N LEU A 71 21.64 -4.48 -15.07
CA LEU A 71 20.57 -4.66 -14.09
C LEU A 71 21.13 -5.26 -12.81
N LEU A 72 22.06 -6.20 -12.94
CA LEU A 72 22.64 -6.80 -11.75
C LEU A 72 23.48 -5.79 -10.99
N GLN A 73 24.23 -4.95 -11.71
CA GLN A 73 24.98 -3.88 -11.03
C GLN A 73 24.02 -2.91 -10.36
N ALA A 74 22.90 -2.61 -10.99
CA ALA A 74 21.91 -1.74 -10.35
C ALA A 74 21.43 -2.35 -9.04
N ILE A 75 21.13 -3.65 -9.04
CA ILE A 75 20.66 -4.30 -7.82
C ILE A 75 21.76 -4.26 -6.73
N ARG A 76 22.98 -4.58 -7.12
N ARG A 76 22.99 -4.56 -7.14
CA ARG A 76 24.11 -4.53 -6.20
CA ARG A 76 24.14 -4.53 -6.23
C ARG A 76 24.22 -3.13 -5.57
C ARG A 76 24.31 -3.15 -5.59
N ASP A 77 24.17 -2.10 -6.39
CA ASP A 77 24.25 -0.71 -5.89
C ASP A 77 23.08 -0.35 -4.97
N VAL A 79 21.36 -2.39 -3.08
CA VAL A 79 21.54 -3.10 -1.80
C VAL A 79 22.65 -2.46 -0.99
N ASP A 80 23.78 -2.18 -1.63
CA ASP A 80 24.89 -1.56 -0.91
C ASP A 80 24.53 -0.17 -0.38
N GLY A 81 23.71 0.59 -1.09
CA GLY A 81 23.32 1.90 -0.60
C GLY A 81 22.09 1.94 0.35
N SER A 82 21.57 0.78 0.75
N SER A 82 21.55 0.79 0.74
CA SER A 82 20.31 0.73 1.53
CA SER A 82 20.32 0.77 1.53
C SER A 82 20.58 0.70 3.03
C SER A 82 20.58 0.71 3.04
N ASN A 84 20.45 -1.08 6.62
CA ASN A 84 20.73 -2.50 6.81
C ASN A 84 20.33 -2.94 8.24
N PRO A 85 19.04 -3.14 8.47
CA PRO A 85 18.53 -3.55 9.78
C PRO A 85 18.98 -4.95 10.13
N ALA A 86 19.58 -5.69 9.20
CA ALA A 86 20.10 -7.00 9.55
C ALA A 86 21.45 -6.94 10.32
N ASN A 87 22.13 -5.81 10.28
CA ASN A 87 23.36 -5.66 11.04
C ASN A 87 22.98 -5.75 12.51
N PRO A 88 23.65 -6.59 13.30
CA PRO A 88 23.25 -6.70 14.71
C PRO A 88 23.34 -5.41 15.54
N GLY A 89 24.07 -4.42 15.05
CA GLY A 89 24.16 -3.11 15.68
C GLY A 89 23.05 -2.15 15.30
N TYR A 90 22.14 -2.60 14.43
CA TYR A 90 20.97 -1.77 14.10
C TYR A 90 19.95 -1.91 15.21
N ILE A 91 19.89 -0.93 16.08
CA ILE A 91 18.99 -0.96 17.21
C ILE A 91 18.13 0.28 17.41
N GLY A 92 17.81 0.98 16.33
CA GLY A 92 17.18 2.28 16.44
C GLY A 92 15.75 2.53 15.98
N HIS A 93 15.17 1.58 15.26
CA HIS A 93 13.86 1.81 14.66
C HIS A 93 12.96 0.60 14.67
N ASP A 95 11.90 -0.95 12.44
CA ASP A 95 12.06 -1.53 11.12
C ASP A 95 13.00 -2.70 11.23
N PRO A 96 12.36 -3.95 11.20
CA PRO A 96 13.25 -5.08 11.46
C PRO A 96 13.79 -5.74 10.23
N PRO A 98 13.80 -8.76 7.80
CA PRO A 98 12.62 -9.56 7.46
C PRO A 98 12.82 -11.05 7.75
N ALA A 99 11.74 -11.72 8.16
CA ALA A 99 11.75 -13.19 8.27
C ALA A 99 12.05 -13.79 6.89
N THR A 100 12.71 -14.94 6.87
CA THR A 100 13.06 -15.60 5.61
C THR A 100 11.83 -15.86 4.77
N ALA A 102 9.11 -14.28 4.77
CA ALA A 102 8.48 -13.05 4.29
C ALA A 102 9.12 -12.61 2.98
N ILE A 103 10.46 -12.73 2.91
CA ILE A 103 11.17 -12.51 1.64
C ILE A 103 10.61 -13.48 0.55
N LEU A 104 10.50 -14.76 0.88
CA LEU A 104 10.05 -15.73 -0.12
C LEU A 104 8.57 -15.55 -0.43
N GLY A 105 7.78 -15.14 0.56
CA GLY A 105 6.36 -14.91 0.31
C GLY A 105 6.15 -13.80 -0.69
N ASP A 106 6.94 -12.73 -0.62
CA ASP A 106 6.82 -11.71 -1.66
C ASP A 106 7.30 -12.16 -3.03
N LEU A 107 8.27 -13.04 -3.09
CA LEU A 107 8.69 -13.58 -4.36
C LEU A 107 7.51 -14.36 -4.95
N VAL A 108 6.87 -15.17 -4.12
CA VAL A 108 5.70 -15.96 -4.56
C VAL A 108 4.54 -15.04 -4.99
N ALA A 109 4.24 -14.04 -4.17
CA ALA A 109 3.14 -13.14 -4.48
C ALA A 109 3.39 -12.39 -5.80
N ALA A 110 4.58 -11.87 -6.01
CA ALA A 110 4.89 -11.14 -7.26
C ALA A 110 4.78 -12.09 -8.47
N ALA A 111 5.22 -13.33 -8.27
CA ALA A 111 5.23 -14.31 -9.37
C ALA A 111 3.80 -14.58 -9.85
N VAL A 112 2.85 -14.82 -8.94
CA VAL A 112 1.52 -15.18 -9.48
C VAL A 112 0.74 -13.89 -9.76
N ASN A 113 1.15 -12.80 -9.10
CA ASN A 113 0.58 -11.46 -9.42
C ASN A 113 -0.97 -11.40 -9.45
N ASN A 114 -1.59 -11.95 -8.41
CA ASN A 114 -3.03 -11.89 -8.23
C ASN A 114 -3.37 -10.54 -7.62
N ASN A 115 -4.66 -10.28 -7.52
CA ASN A 115 -5.15 -8.97 -7.08
C ASN A 115 -6.17 -9.14 -5.99
N LEU A 117 -8.34 -7.12 -4.97
CA LEU A 117 -9.55 -6.37 -5.26
C LEU A 117 -10.82 -7.23 -5.14
N SER A 118 -10.78 -8.46 -5.67
CA SER A 118 -11.99 -9.28 -5.73
C SER A 118 -11.62 -10.75 -5.61
N LEU A 119 -12.62 -11.56 -5.21
CA LEU A 119 -12.41 -12.99 -5.02
C LEU A 119 -11.95 -13.63 -6.33
N GLU A 120 -12.56 -13.21 -7.42
CA GLU A 120 -12.27 -13.75 -8.73
C GLU A 120 -10.82 -13.47 -9.15
N SER A 122 -8.37 -13.16 -6.86
CA SER A 122 -7.42 -13.72 -5.90
C SER A 122 -8.06 -14.94 -5.27
N PRO A 123 -8.41 -15.95 -6.08
CA PRO A 123 -9.27 -17.03 -5.57
C PRO A 123 -8.62 -17.82 -4.42
N SER A 124 -7.31 -17.99 -4.39
CA SER A 124 -6.66 -18.71 -3.29
C SER A 124 -6.06 -17.81 -2.21
N PHE A 125 -6.27 -16.49 -2.29
CA PHE A 125 -5.70 -15.53 -1.31
C PHE A 125 -6.83 -14.79 -0.56
N SER A 126 -7.93 -14.50 -1.24
CA SER A 126 -8.98 -13.71 -0.58
C SER A 126 -9.60 -14.42 0.64
N ARG A 127 -9.98 -15.67 0.47
CA ARG A 127 -10.63 -16.37 1.58
C ARG A 127 -9.60 -16.59 2.66
N LEU A 128 -8.36 -16.81 2.26
CA LEU A 128 -7.30 -17.01 3.28
C LEU A 128 -7.13 -15.78 4.13
N GLU A 129 -7.12 -14.61 3.50
CA GLU A 129 -6.94 -13.40 4.25
C GLU A 129 -8.10 -13.20 5.24
N THR A 130 -9.32 -13.40 4.75
CA THR A 130 -10.50 -13.17 5.61
C THR A 130 -10.43 -14.14 6.81
N LEU A 131 -10.16 -15.41 6.52
CA LEU A 131 -10.12 -16.41 7.57
C LEU A 131 -8.97 -16.18 8.54
N LEU A 132 -7.81 -15.80 8.00
CA LEU A 132 -6.66 -15.56 8.89
C LEU A 132 -6.92 -14.34 9.78
N LEU A 133 -7.56 -13.31 9.23
CA LEU A 133 -7.78 -12.15 10.07
C LEU A 133 -8.87 -12.40 11.09
N ARG A 134 -9.84 -13.28 10.80
CA ARG A 134 -10.73 -13.69 11.89
C ARG A 134 -9.96 -14.39 13.03
N ALA A 135 -8.99 -15.21 12.67
CA ALA A 135 -8.22 -15.94 13.66
C ALA A 135 -7.40 -14.93 14.49
N ILE A 136 -6.81 -13.92 13.83
CA ILE A 136 -6.03 -12.93 14.57
C ILE A 136 -6.96 -12.11 15.46
N ALA A 137 -8.16 -11.77 14.96
CA ALA A 137 -9.11 -11.05 15.83
C ALA A 137 -9.43 -11.87 17.10
N GLY A 138 -9.54 -13.21 16.96
CA GLY A 138 -9.75 -14.11 18.10
C GLY A 138 -8.62 -14.00 19.13
N LEU A 139 -7.41 -13.85 18.65
CA LEU A 139 -6.26 -13.68 19.55
C LEU A 139 -6.35 -12.36 20.34
N PHE A 140 -6.96 -11.33 19.75
CA PHE A 140 -7.20 -10.07 20.46
C PHE A 140 -8.43 -10.14 21.34
N GLY A 141 -9.21 -11.21 21.21
CA GLY A 141 -10.36 -11.43 22.08
C GLY A 141 -11.60 -10.64 21.69
N LEU A 142 -11.68 -10.22 20.44
CA LEU A 142 -12.76 -9.34 19.98
C LEU A 142 -14.14 -9.97 19.79
N GLY A 143 -14.22 -11.28 19.75
CA GLY A 143 -15.54 -11.92 19.74
C GLY A 143 -15.94 -12.49 18.37
N GLU A 144 -17.11 -13.13 18.32
CA GLU A 144 -17.38 -14.00 17.18
C GLU A 144 -17.78 -13.23 15.91
N GLN A 145 -18.15 -11.96 16.03
CA GLN A 145 -18.47 -11.17 14.84
C GLN A 145 -17.26 -10.45 14.25
N ALA A 146 -16.09 -10.65 14.83
CA ALA A 146 -14.94 -9.83 14.46
C ALA A 146 -14.27 -10.22 13.14
N GLY A 147 -13.62 -9.24 12.51
CA GLY A 147 -12.83 -9.54 11.34
C GLY A 147 -12.24 -8.24 10.80
N GLY A 148 -11.58 -8.29 9.67
CA GLY A 148 -10.98 -7.06 9.18
C GLY A 148 -10.30 -7.28 7.84
N VAL A 149 -9.45 -6.31 7.44
CA VAL A 149 -8.77 -6.41 6.18
C VAL A 149 -7.32 -6.03 6.35
N LEU A 150 -6.45 -6.58 5.49
CA LEU A 150 -5.07 -6.12 5.41
C LEU A 150 -5.01 -4.82 4.63
N THR A 151 -4.10 -3.93 5.02
CA THR A 151 -3.97 -2.61 4.43
C THR A 151 -2.49 -2.39 4.16
N SER A 152 -2.16 -1.54 3.21
CA SER A 152 -0.73 -1.30 2.96
C SER A 152 -0.17 -0.27 3.96
N GLY A 153 0.01 -0.68 5.22
CA GLY A 153 0.52 0.28 6.21
C GLY A 153 -0.50 0.61 7.28
N GLY A 154 0.02 0.88 8.48
CA GLY A 154 -0.82 1.22 9.63
C GLY A 154 -1.51 2.58 9.47
N SER A 155 -0.94 3.48 8.70
CA SER A 155 -1.61 4.78 8.53
C SER A 155 -2.99 4.56 7.86
N LEU A 156 -3.05 3.66 6.87
CA LEU A 156 -4.31 3.32 6.16
C LEU A 156 -5.27 2.63 7.10
N ALA A 157 -4.72 1.79 7.99
CA ALA A 157 -5.57 1.10 8.94
C ALA A 157 -6.22 2.12 9.90
N ASN A 158 -5.42 3.06 10.41
CA ASN A 158 -5.99 4.13 11.21
C ASN A 158 -7.02 4.97 10.44
N LEU A 159 -6.69 5.29 9.18
CA LEU A 159 -7.60 6.05 8.34
C LEU A 159 -8.96 5.31 8.23
N GLN A 160 -8.91 4.01 7.97
CA GLN A 160 -10.13 3.26 7.78
C GLN A 160 -10.93 3.13 9.07
N ALA A 161 -10.24 2.90 10.18
CA ALA A 161 -10.95 2.79 11.45
C ALA A 161 -11.72 4.11 11.75
N LEU A 162 -11.01 5.22 11.58
CA LEU A 162 -11.60 6.54 11.84
C LEU A 162 -12.69 6.88 10.84
N ALA A 163 -12.55 6.44 9.58
CA ALA A 163 -13.61 6.63 8.57
C ALA A 163 -14.90 5.94 9.05
N VAL A 164 -14.78 4.69 9.49
CA VAL A 164 -15.94 3.96 10.00
C VAL A 164 -16.49 4.64 11.24
N ALA A 165 -15.64 5.00 12.20
CA ALA A 165 -16.14 5.71 13.39
C ALA A 165 -16.93 6.98 13.01
N ARG A 166 -16.38 7.75 12.09
CA ARG A 166 -17.06 8.96 11.57
C ARG A 166 -18.37 8.60 10.89
N ASN A 167 -18.34 7.58 10.02
CA ASN A 167 -19.57 7.22 9.29
C ASN A 167 -20.67 6.71 10.18
N VAL A 168 -20.30 6.00 11.26
CA VAL A 168 -21.32 5.51 12.17
C VAL A 168 -21.91 6.67 12.95
N ALA A 169 -21.08 7.62 13.36
CA ALA A 169 -21.57 8.71 14.21
C ALA A 169 -22.39 9.73 13.42
N PHE A 170 -22.07 9.91 12.14
CA PHE A 170 -22.61 11.03 11.38
C PHE A 170 -23.35 10.62 10.10
N ASP A 171 -23.46 9.33 9.86
CA ASP A 171 -24.15 8.75 8.71
C ASP A 171 -23.68 9.43 7.41
N SER A 172 -22.38 9.47 7.25
CA SER A 172 -21.76 10.30 6.23
C SER A 172 -21.35 9.59 4.93
N VAL A 173 -21.67 8.31 4.75
CA VAL A 173 -21.21 7.65 3.54
C VAL A 173 -21.74 8.37 2.28
N GLU A 174 -23.05 8.64 2.22
CA GLU A 174 -23.52 9.29 1.00
C GLU A 174 -23.52 10.82 1.02
N PRO A 175 -23.94 11.45 2.15
CA PRO A 175 -24.06 12.91 2.10
C PRO A 175 -22.82 13.67 2.55
N GLY A 176 -21.82 12.98 3.04
CA GLY A 176 -20.60 13.61 3.54
C GLY A 176 -20.82 14.26 4.90
N ILE A 177 -19.86 15.07 5.35
CA ILE A 177 -20.03 15.75 6.63
C ILE A 177 -20.04 17.26 6.49
N THR A 178 -20.19 17.80 5.29
CA THR A 178 -20.12 19.25 5.19
C THR A 178 -21.34 19.94 5.78
N GLY A 179 -22.45 19.22 5.97
CA GLY A 179 -23.63 19.88 6.53
C GLY A 179 -23.56 20.17 8.04
N LEU A 180 -22.59 19.59 8.74
CA LEU A 180 -22.58 19.65 10.21
C LEU A 180 -22.29 21.04 10.74
N ALA A 181 -22.92 21.40 11.86
CA ALA A 181 -22.71 22.72 12.47
C ALA A 181 -21.80 22.66 13.69
N GLN A 182 -21.56 21.47 14.23
CA GLN A 182 -20.56 21.31 15.28
C GLN A 182 -19.37 20.48 14.74
N ARG A 183 -18.14 20.80 15.15
CA ARG A 183 -16.98 20.10 14.60
C ARG A 183 -16.81 18.76 15.28
N PRO A 184 -16.79 17.69 14.48
CA PRO A 184 -16.44 16.37 15.02
C PRO A 184 -15.00 16.35 15.51
N VAL A 185 -14.74 15.73 16.67
CA VAL A 185 -13.38 15.69 17.23
C VAL A 185 -13.11 14.28 17.78
N ILE A 186 -11.83 13.93 17.86
CA ILE A 186 -11.40 12.67 18.44
C ILE A 186 -10.34 12.99 19.49
N PHE A 187 -10.13 12.07 20.42
CA PHE A 187 -9.16 12.28 21.48
C PHE A 187 -8.08 11.25 21.36
N ALA A 188 -6.83 11.67 21.58
CA ALA A 188 -5.74 10.73 21.55
C ALA A 188 -4.62 11.26 22.45
N SER A 189 -3.73 10.38 22.88
CA SER A 189 -2.62 10.82 23.71
C SER A 189 -1.77 11.83 22.98
N GLU A 190 -1.22 12.76 23.72
CA GLU A 190 -0.23 13.65 23.13
C GLU A 190 0.94 12.84 22.54
N ALA A 191 1.12 11.57 22.97
CA ALA A 191 2.20 10.74 22.41
C ALA A 191 1.73 9.83 21.24
N ALA A 192 0.48 9.98 20.81
CA ALA A 192 -0.06 9.09 19.76
C ALA A 192 0.53 9.47 18.39
N HIS A 193 0.32 8.61 17.41
CA HIS A 193 1.03 8.71 16.13
C HIS A 193 0.44 9.79 15.26
N THR A 194 1.29 10.44 14.45
CA THR A 194 0.80 11.54 13.61
C THR A 194 -0.15 11.09 12.50
N SER A 195 -0.20 9.79 12.19
CA SER A 195 -1.16 9.32 11.21
C SER A 195 -2.60 9.60 11.67
N LEU A 196 -2.81 9.87 12.97
CA LEU A 196 -4.16 10.26 13.38
C LEU A 196 -4.51 11.65 12.80
N GLN A 197 -3.55 12.58 12.83
N GLN A 197 -3.54 12.57 12.83
CA GLN A 197 -3.77 13.91 12.27
CA GLN A 197 -3.74 13.92 12.28
C GLN A 197 -3.86 13.85 10.75
C GLN A 197 -3.84 13.86 10.77
N LYS A 198 -3.03 12.99 10.15
CA LYS A 198 -3.10 12.85 8.69
C LYS A 198 -4.49 12.32 8.32
N ALA A 199 -4.95 11.33 9.06
CA ALA A 199 -6.26 10.75 8.79
C ALA A 199 -7.35 11.79 8.99
N ALA A 200 -7.26 12.56 10.08
CA ALA A 200 -8.31 13.56 10.35
C ALA A 200 -8.35 14.53 9.18
N LEU A 202 -7.50 13.95 6.02
CA LEU A 202 -8.01 13.26 4.85
C LEU A 202 -9.51 13.10 4.99
N LEU A 203 -9.98 12.77 6.20
CA LEU A 203 -11.40 12.53 6.42
C LEU A 203 -12.25 13.79 6.44
N GLY A 204 -11.64 14.96 6.26
CA GLY A 204 -12.39 16.21 6.21
C GLY A 204 -12.64 16.80 7.59
N LEU A 205 -12.01 16.23 8.62
CA LEU A 205 -12.18 16.69 9.99
C LEU A 205 -11.19 17.81 10.29
N GLY A 206 -10.07 17.81 9.56
CA GLY A 206 -8.98 18.76 9.76
C GLY A 206 -8.01 18.24 10.82
N THR A 207 -6.73 18.62 10.72
CA THR A 207 -5.78 18.15 11.73
C THR A 207 -6.13 18.63 13.15
N ALA A 208 -6.79 19.77 13.28
CA ALA A 208 -7.09 20.32 14.61
C ALA A 208 -8.21 19.52 15.29
N ALA A 209 -8.80 18.55 14.60
CA ALA A 209 -9.87 17.74 15.22
C ALA A 209 -9.30 16.66 16.17
N VAL A 210 -7.98 16.43 16.13
CA VAL A 210 -7.38 15.45 17.04
C VAL A 210 -6.96 16.19 18.27
N ILE A 211 -7.71 15.98 19.36
CA ILE A 211 -7.49 16.75 20.58
C ILE A 211 -6.52 15.96 21.50
N PRO A 212 -5.36 16.56 21.83
CA PRO A 212 -4.38 15.76 22.58
C PRO A 212 -4.75 15.69 24.05
N VAL A 213 -4.53 14.52 24.60
CA VAL A 213 -4.77 14.24 26.01
C VAL A 213 -3.41 14.11 26.70
N ARG A 214 -3.27 14.71 27.90
CA ARG A 214 -2.00 14.68 28.66
C ARG A 214 -1.54 13.24 28.83
N ALA A 215 -0.22 13.03 28.64
CA ALA A 215 0.39 11.75 28.98
C ALA A 215 1.18 11.90 30.26
N THR A 216 1.27 10.82 31.03
CA THR A 216 2.06 10.81 32.28
C THR A 216 3.57 10.91 32.01
N ALA A 217 4.37 10.93 33.07
CA ALA A 217 5.84 10.83 32.97
C ALA A 217 6.32 9.56 32.24
N ASP A 218 5.47 8.51 32.23
CA ASP A 218 5.76 7.27 31.52
C ASP A 218 5.06 7.20 30.14
N SER A 219 4.62 8.34 29.63
CA SER A 219 4.13 8.50 28.25
C SER A 219 2.87 7.66 28.02
N ARG A 220 2.06 7.54 29.08
CA ARG A 220 0.79 6.81 29.03
C ARG A 220 -0.35 7.82 29.15
N ASP A 222 -3.39 9.88 30.30
CA ASP A 222 -3.97 10.11 31.62
C ASP A 222 -5.50 10.08 31.50
N PRO A 223 -6.16 9.05 32.05
CA PRO A 223 -7.61 8.91 31.98
C PRO A 223 -8.34 10.11 32.57
N GLU A 224 -7.82 10.73 33.63
CA GLU A 224 -8.51 11.89 34.21
C GLU A 224 -8.49 13.05 33.23
N ASP A 225 -7.39 13.20 32.49
CA ASP A 225 -7.36 14.29 31.51
C ASP A 225 -8.27 13.99 30.33
N LEU A 226 -8.39 12.71 29.96
CA LEU A 226 -9.35 12.36 28.89
C LEU A 226 -10.76 12.84 29.26
N ARG A 227 -11.19 12.55 30.48
CA ARG A 227 -12.51 13.01 30.91
C ARG A 227 -12.63 14.51 30.82
N ALA A 228 -11.59 15.20 31.27
CA ALA A 228 -11.62 16.67 31.25
C ALA A 228 -11.73 17.20 29.81
N ARG A 229 -10.98 16.59 28.89
CA ARG A 229 -11.02 17.06 27.51
C ARG A 229 -12.37 16.79 26.87
N ILE A 230 -13.00 15.67 27.22
CA ILE A 230 -14.31 15.34 26.62
C ILE A 230 -15.36 16.36 27.08
N ASP A 231 -15.41 16.61 28.38
CA ASP A 231 -16.28 17.63 28.97
C ASP A 231 -16.03 19.00 28.35
N GLN A 232 -14.76 19.37 28.23
CA GLN A 232 -14.39 20.63 27.61
C GLN A 232 -14.84 20.74 26.13
N ALA A 233 -14.73 19.65 25.38
CA ALA A 233 -15.11 19.69 23.95
C ALA A 233 -16.60 19.92 23.83
N ARG A 234 -17.36 19.23 24.66
CA ARG A 234 -18.81 19.37 24.61
C ARG A 234 -19.20 20.77 25.02
N GLY A 235 -18.48 21.35 25.98
CA GLY A 235 -18.75 22.71 26.41
C GLY A 235 -18.42 23.74 25.34
N ALA A 236 -17.46 23.39 24.48
CA ALA A 236 -17.08 24.24 23.36
C ALA A 236 -17.99 23.98 22.15
N GLY A 237 -19.03 23.16 22.32
CA GLY A 237 -19.91 22.85 21.22
C GLY A 237 -19.32 21.98 20.11
N GLN A 238 -18.28 21.22 20.43
CA GLN A 238 -17.73 20.20 19.53
C GLN A 238 -18.47 18.87 19.68
N HIS A 239 -18.29 17.94 18.75
CA HIS A 239 -18.97 16.66 18.81
C HIS A 239 -17.99 15.48 18.87
N PRO A 240 -17.65 15.08 20.17
CA PRO A 240 -16.70 13.96 20.21
C PRO A 240 -17.27 12.69 19.63
N PHE A 241 -16.49 11.93 18.88
CA PHE A 241 -17.00 10.67 18.37
C PHE A 241 -16.09 9.47 18.51
N CYS A 242 -14.84 9.69 18.89
CA CYS A 242 -13.91 8.60 19.01
C CYS A 242 -12.81 8.89 20.03
N VAL A 243 -12.36 7.84 20.71
CA VAL A 243 -11.17 7.87 21.55
C VAL A 243 -10.16 6.88 20.99
N VAL A 244 -8.94 7.33 20.77
CA VAL A 244 -7.91 6.42 20.30
C VAL A 244 -6.90 6.20 21.41
N ALA A 245 -6.76 4.95 21.84
CA ALA A 245 -5.69 4.60 22.79
C ALA A 245 -4.53 4.01 22.00
N THR A 246 -3.30 4.18 22.48
CA THR A 246 -2.16 3.71 21.71
C THR A 246 -1.44 2.61 22.49
N ALA A 247 -1.29 1.43 21.88
CA ALA A 247 -0.63 0.32 22.58
C ALA A 247 0.78 0.15 21.96
N GLY A 248 1.77 0.93 22.50
CA GLY A 248 3.10 1.03 21.96
C GLY A 248 3.31 2.31 21.20
N THR A 249 3.56 3.39 21.93
CA THR A 249 3.78 4.63 21.34
C THR A 249 5.07 4.63 20.53
N THR A 250 5.13 5.45 19.50
CA THR A 250 6.27 5.41 18.60
C THR A 250 7.59 5.73 19.26
N THR A 251 7.63 6.79 20.05
CA THR A 251 8.95 7.21 20.54
C THR A 251 9.42 6.32 21.69
N THR A 252 8.54 6.10 22.66
CA THR A 252 8.97 5.43 23.87
C THR A 252 8.46 4.01 24.05
N GLY A 253 7.57 3.58 23.17
CA GLY A 253 7.02 2.24 23.20
C GLY A 253 6.08 1.98 24.37
N ASN A 254 5.49 3.02 24.94
CA ASN A 254 4.57 2.82 26.07
C ASN A 254 3.15 2.45 25.66
N ILE A 255 2.42 1.85 26.59
CA ILE A 255 1.07 1.39 26.32
C ILE A 255 0.06 2.11 27.23
N ASP A 256 -0.92 2.76 26.62
CA ASP A 256 -1.98 3.45 27.33
C ASP A 256 -2.77 2.45 28.18
N PRO A 257 -3.43 2.93 29.26
CA PRO A 257 -4.21 2.01 30.12
C PRO A 257 -5.53 1.66 29.42
N LEU A 258 -5.51 0.58 28.65
CA LEU A 258 -6.58 0.33 27.69
C LEU A 258 -7.91 0.07 28.37
N ALA A 259 -7.89 -0.62 29.52
CA ALA A 259 -9.15 -0.92 30.17
C ALA A 259 -9.82 0.34 30.75
N GLU A 260 -9.03 1.22 31.37
CA GLU A 260 -9.61 2.47 31.88
C GLU A 260 -10.09 3.40 30.74
N ILE A 261 -9.25 3.54 29.71
N ILE A 261 -9.27 3.53 29.70
CA ILE A 261 -9.63 4.40 28.60
CA ILE A 261 -9.67 4.41 28.60
C ILE A 261 -10.90 3.88 27.89
C ILE A 261 -10.92 3.88 27.89
N GLY A 262 -10.91 2.57 27.62
CA GLY A 262 -12.09 1.94 27.02
C GLY A 262 -13.33 2.17 27.86
N ALA A 263 -13.21 2.08 29.20
CA ALA A 263 -14.39 2.28 30.05
C ALA A 263 -14.90 3.72 29.94
N ILE A 264 -13.99 4.66 29.83
CA ILE A 264 -14.39 6.07 29.69
C ILE A 264 -15.05 6.29 28.29
N ALA A 265 -14.47 5.73 27.25
CA ALA A 265 -15.09 5.81 25.90
C ALA A 265 -16.50 5.27 25.91
N ARG A 266 -16.70 4.09 26.50
CA ARG A 266 -18.04 3.50 26.58
C ARG A 266 -19.01 4.34 27.41
N GLU A 267 -18.52 4.88 28.52
N GLU A 267 -18.56 4.90 28.53
CA GLU A 267 -19.27 5.79 29.39
CA GLU A 267 -19.45 5.71 29.34
C GLU A 267 -19.89 6.91 28.56
C GLU A 267 -19.95 6.92 28.52
N HIS A 268 -19.12 7.44 27.63
CA HIS A 268 -19.50 8.60 26.84
C HIS A 268 -20.00 8.29 25.42
N GLY A 269 -20.24 7.02 25.12
CA GLY A 269 -20.77 6.62 23.83
C GLY A 269 -19.83 6.84 22.66
N LEU A 270 -18.52 6.87 22.92
CA LEU A 270 -17.50 7.12 21.87
C LEU A 270 -16.94 5.81 21.32
N TRP A 271 -16.67 5.78 20.03
CA TRP A 271 -15.97 4.68 19.39
C TRP A 271 -14.62 4.52 20.05
N PHE A 272 -14.26 3.29 20.38
CA PHE A 272 -12.97 3.05 21.02
C PHE A 272 -12.04 2.36 20.06
N HIS A 273 -11.08 3.13 19.52
CA HIS A 273 -10.07 2.57 18.60
C HIS A 273 -8.73 2.35 19.34
N VAL A 274 -8.11 1.19 19.15
CA VAL A 274 -6.79 0.98 19.74
C VAL A 274 -5.76 0.90 18.63
N ASP A 275 -4.82 1.84 18.63
CA ASP A 275 -3.72 1.79 17.69
C ASP A 275 -2.65 0.92 18.33
N ALA A 276 -2.68 -0.36 17.97
CA ALA A 276 -1.70 -1.34 18.45
C ALA A 276 -0.73 -1.72 17.35
N ALA A 277 -0.44 -0.76 16.47
CA ALA A 277 0.46 -0.99 15.35
C ALA A 277 1.68 -1.82 15.75
N TYR A 278 2.34 -1.36 16.82
CA TYR A 278 3.53 -2.02 17.34
C TYR A 278 3.15 -3.04 18.40
N GLY A 279 2.45 -2.57 19.44
CA GLY A 279 2.28 -3.43 20.62
C GLY A 279 1.30 -4.58 20.47
N GLY A 280 0.53 -4.57 19.37
CA GLY A 280 -0.41 -5.67 19.13
C GLY A 280 0.25 -7.03 19.05
N ALA A 281 1.56 -7.06 18.77
CA ALA A 281 2.26 -8.32 18.63
C ALA A 281 2.27 -9.12 19.94
N LEU A 282 2.10 -8.41 21.05
CA LEU A 282 2.10 -9.08 22.39
C LEU A 282 1.04 -10.18 22.49
N VAL A 283 0.02 -10.16 21.60
CA VAL A 283 -1.00 -11.25 21.66
C VAL A 283 -0.40 -12.61 21.43
N PHE A 284 0.79 -12.68 20.82
CA PHE A 284 1.48 -13.95 20.72
C PHE A 284 2.32 -14.32 21.95
N SER A 285 2.41 -13.44 22.95
CA SER A 285 3.20 -13.78 24.13
C SER A 285 2.29 -14.09 25.32
N GLU A 286 2.25 -15.33 25.78
CA GLU A 286 1.51 -15.65 26.99
C GLU A 286 2.01 -14.83 28.17
N ARG A 287 3.31 -14.66 28.23
CA ARG A 287 3.95 -14.02 29.35
C ARG A 287 3.69 -12.50 29.47
N HIS A 288 3.55 -11.85 28.33
CA HIS A 288 3.47 -10.38 28.28
C HIS A 288 2.13 -9.80 27.85
N ARG A 289 1.22 -10.62 27.36
CA ARG A 289 0.03 -10.00 26.76
C ARG A 289 -0.96 -9.40 27.77
N TRP A 290 -0.80 -9.67 29.07
CA TRP A 290 -1.55 -8.94 30.07
C TRP A 290 -1.45 -7.43 29.93
N ARG A 291 -0.36 -6.96 29.33
N ARG A 291 -0.35 -6.94 29.35
CA ARG A 291 -0.17 -5.52 29.10
CA ARG A 291 -0.23 -5.49 29.15
C ARG A 291 -1.23 -4.92 28.18
C ARG A 291 -1.37 -4.94 28.30
N LEU A 292 -1.92 -5.79 27.44
CA LEU A 292 -2.98 -5.34 26.56
C LEU A 292 -4.39 -5.48 27.13
N ALA A 293 -4.50 -5.77 28.43
CA ALA A 293 -5.81 -5.98 29.03
C ALA A 293 -6.74 -4.81 28.74
N GLY A 294 -7.96 -5.09 28.27
CA GLY A 294 -8.90 -4.03 27.88
C GLY A 294 -9.04 -3.91 26.36
N ILE A 295 -8.03 -4.38 25.62
CA ILE A 295 -8.09 -4.27 24.15
C ILE A 295 -9.25 -5.11 23.58
N GLU A 296 -9.64 -6.17 24.30
CA GLU A 296 -10.71 -7.05 23.76
C GLU A 296 -12.05 -6.35 23.63
N GLN A 297 -12.20 -5.19 24.28
CA GLN A 297 -13.45 -4.45 24.16
C GLN A 297 -13.39 -3.35 23.07
N ALA A 298 -12.27 -3.26 22.37
CA ALA A 298 -12.14 -2.22 21.33
C ALA A 298 -13.21 -2.40 20.24
N ASP A 299 -13.69 -1.28 19.72
CA ASP A 299 -14.46 -1.30 18.48
C ASP A 299 -13.59 -1.59 17.23
N SER A 300 -12.37 -1.11 17.25
CA SER A 300 -11.45 -1.39 16.15
C SER A 300 -10.01 -1.42 16.71
N ILE A 301 -9.15 -2.17 16.03
CA ILE A 301 -7.71 -2.26 16.32
C ILE A 301 -6.87 -2.14 15.05
N THR A 302 -5.83 -1.31 15.11
CA THR A 302 -4.79 -1.30 14.09
C THR A 302 -3.65 -2.15 14.60
N PHE A 303 -3.11 -3.02 13.75
CA PHE A 303 -1.95 -3.84 14.14
C PHE A 303 -1.04 -4.03 12.91
N ASN A 304 0.27 -3.90 13.09
CA ASN A 304 1.21 -3.97 11.94
C ASN A 304 2.20 -5.13 12.07
N PRO A 305 1.90 -6.29 11.46
CA PRO A 305 2.92 -7.33 11.53
C PRO A 305 4.30 -6.92 10.92
N GLN A 306 4.33 -5.88 10.07
CA GLN A 306 5.61 -5.44 9.52
C GLN A 306 6.57 -4.88 10.61
N TRP A 308 6.65 -5.75 14.72
CA TRP A 308 7.21 -6.70 15.69
C TRP A 308 6.94 -8.18 15.32
N LEU A 309 6.31 -8.44 14.17
CA LEU A 309 6.21 -9.82 13.67
C LEU A 309 7.16 -10.09 12.47
N TYR A 310 8.01 -9.11 12.17
CA TYR A 310 9.14 -9.25 11.24
C TYR A 310 8.67 -9.56 9.81
N VAL A 311 7.47 -9.15 9.47
CA VAL A 311 7.00 -9.36 8.08
C VAL A 311 7.50 -8.21 7.19
N ALA A 312 8.17 -8.52 6.08
CA ALA A 312 8.68 -7.49 5.20
C ALA A 312 7.59 -6.46 4.87
N LYS A 313 7.94 -5.18 4.89
CA LYS A 313 6.96 -4.11 4.64
C LYS A 313 6.30 -4.30 3.27
N THR A 314 5.01 -3.94 3.08
CA THR A 314 4.10 -3.54 4.16
C THR A 314 3.26 -4.71 4.59
N CYS A 315 2.83 -4.68 5.85
CA CYS A 315 1.88 -5.65 6.31
C CYS A 315 1.26 -5.05 7.54
N ALA A 316 -0.04 -4.73 7.42
CA ALA A 316 -0.79 -4.08 8.50
C ALA A 316 -2.23 -4.46 8.31
N VAL A 318 -6.56 -3.61 9.81
CA VAL A 318 -7.54 -3.02 10.73
C VAL A 318 -8.55 -4.09 11.00
N LEU A 319 -8.82 -4.30 12.29
CA LEU A 319 -9.76 -5.29 12.78
C LEU A 319 -10.95 -4.57 13.40
N PHE A 320 -12.14 -5.10 13.21
CA PHE A 320 -13.37 -4.56 13.77
C PHE A 320 -14.04 -5.61 14.61
N ARG A 321 -14.52 -5.21 15.80
CA ARG A 321 -15.23 -6.17 16.64
C ARG A 321 -16.52 -6.67 15.97
N ASP A 322 -17.14 -5.84 15.14
CA ASP A 322 -18.22 -6.27 14.26
C ASP A 322 -17.88 -5.95 12.80
N ALA A 323 -17.49 -6.99 12.06
CA ALA A 323 -17.05 -6.84 10.68
C ALA A 323 -18.17 -6.34 9.77
N GLY A 324 -19.39 -6.60 10.17
CA GLY A 324 -20.55 -6.19 9.41
C GLY A 324 -20.61 -4.68 9.31
N VAL A 325 -19.91 -4.01 10.19
CA VAL A 325 -19.89 -2.56 10.18
C VAL A 325 -19.34 -2.03 8.85
N LEU A 326 -18.44 -2.76 8.24
CA LEU A 326 -17.86 -2.40 6.97
C LEU A 326 -18.91 -2.34 5.85
N GLU A 327 -19.88 -3.24 5.91
CA GLU A 327 -21.02 -3.17 5.01
C GLU A 327 -21.95 -2.00 5.25
N ARG A 328 -22.27 -1.76 6.51
CA ARG A 328 -23.16 -0.70 6.93
C ARG A 328 -22.67 0.73 6.83
N ALA A 329 -21.40 0.92 7.11
CA ALA A 329 -20.84 2.25 7.29
C ALA A 329 -19.51 2.47 6.60
N PHE A 330 -19.32 1.89 5.44
CA PHE A 330 -18.09 2.08 4.69
C PHE A 330 -18.30 1.82 3.21
N ARG A 331 -18.73 0.62 2.92
CA ARG A 331 -18.87 0.19 1.57
C ARG A 331 -19.82 1.13 0.82
N ILE A 332 -19.41 1.55 -0.37
CA ILE A 332 -20.21 2.47 -1.16
C ILE A 332 -21.43 1.82 -1.78
N PRO A 333 -22.46 2.72 -2.07
CA PRO A 333 -23.66 2.08 -2.67
C PRO A 333 -23.39 1.40 -4.02
N ALA A 334 -24.10 0.32 -4.30
CA ALA A 334 -23.95 -0.42 -5.57
C ALA A 334 -24.72 0.23 -6.71
N GLY A 342 -21.59 -15.73 -0.27
CA GLY A 342 -21.65 -14.95 0.95
C GLY A 342 -20.40 -14.06 1.10
N PHE A 343 -19.34 -14.38 0.36
CA PHE A 343 -18.05 -13.67 0.51
C PHE A 343 -18.04 -12.27 -0.10
N ILE A 344 -17.44 -11.34 0.63
CA ILE A 344 -17.40 -9.95 0.19
C ILE A 344 -16.02 -9.63 -0.47
N ASN A 345 -16.04 -9.24 -1.76
CA ASN A 345 -14.82 -8.74 -2.43
C ASN A 345 -14.11 -7.72 -1.55
N LEU A 346 -12.84 -7.96 -1.25
CA LEU A 346 -12.14 -7.15 -0.27
C LEU A 346 -11.98 -5.68 -0.71
N GLY A 347 -11.91 -5.41 -2.02
CA GLY A 347 -11.82 -4.03 -2.49
C GLY A 347 -13.02 -3.20 -2.03
N GLU A 348 -14.17 -3.84 -1.81
CA GLU A 348 -15.36 -3.04 -1.46
C GLU A 348 -15.31 -2.53 -0.04
N ILE A 349 -14.43 -3.15 0.78
CA ILE A 349 -14.45 -2.86 2.20
C ILE A 349 -13.05 -2.48 2.69
N GLY A 350 -12.25 -1.92 1.79
CA GLY A 350 -11.00 -1.31 2.21
C GLY A 350 -10.85 0.05 1.58
N VAL A 351 -9.88 0.82 2.06
CA VAL A 351 -9.56 2.09 1.43
C VAL A 351 -9.02 1.79 0.03
N GLN A 352 -8.13 0.81 -0.06
CA GLN A 352 -7.57 0.42 -1.37
C GLN A 352 -8.56 -0.42 -2.15
N GLY A 353 -8.38 -0.46 -3.46
CA GLY A 353 -9.13 -1.35 -4.33
C GLY A 353 -8.17 -2.49 -4.63
N THR A 354 -7.43 -2.35 -5.71
CA THR A 354 -6.30 -3.27 -5.97
C THR A 354 -5.32 -3.22 -4.81
N ARG A 355 -4.86 -4.41 -4.41
CA ARG A 355 -3.89 -4.55 -3.35
C ARG A 355 -3.00 -5.72 -3.67
N HIS A 356 -1.74 -5.57 -3.32
CA HIS A 356 -0.73 -6.63 -3.33
C HIS A 356 -1.16 -7.73 -2.34
N ALA A 357 -0.82 -8.98 -2.64
CA ALA A 357 -1.19 -10.13 -1.81
C ALA A 357 -0.23 -10.27 -0.62
N ASP A 358 -0.37 -9.36 0.35
CA ASP A 358 0.45 -9.40 1.56
C ASP A 358 0.13 -10.65 2.41
N VAL A 359 -1.06 -11.25 2.23
CA VAL A 359 -1.41 -12.42 3.03
C VAL A 359 -0.40 -13.53 2.76
N VAL A 360 0.28 -13.55 1.60
CA VAL A 360 1.20 -14.66 1.37
C VAL A 360 2.38 -14.62 2.34
N LYS A 361 3.08 -13.49 2.40
CA LYS A 361 4.20 -13.39 3.35
C LYS A 361 3.71 -13.44 4.79
N LEU A 362 2.55 -12.86 5.08
CA LEU A 362 2.05 -12.94 6.45
C LEU A 362 1.81 -14.39 6.87
N TRP A 363 1.06 -15.14 6.04
CA TRP A 363 0.68 -16.51 6.39
C TRP A 363 1.90 -17.42 6.45
N LEU A 364 2.82 -17.29 5.49
CA LEU A 364 4.01 -18.15 5.50
C LEU A 364 4.90 -17.85 6.70
N THR A 365 5.00 -16.58 7.06
CA THR A 365 5.84 -16.17 8.15
C THR A 365 5.21 -16.61 9.48
N LEU A 366 3.91 -16.39 9.66
CA LEU A 366 3.25 -16.85 10.90
C LEU A 366 3.45 -18.35 11.06
N GLN A 367 3.36 -19.10 9.97
CA GLN A 367 3.52 -20.54 10.10
C GLN A 367 4.95 -20.93 10.42
N HIS A 368 5.91 -20.26 9.80
CA HIS A 368 7.31 -20.67 9.97
C HIS A 368 7.78 -20.37 11.38
N ILE A 369 7.42 -19.21 11.91
CA ILE A 369 7.89 -18.81 13.23
C ILE A 369 7.00 -19.43 14.33
N GLY A 370 5.70 -19.42 14.09
CA GLY A 370 4.76 -19.98 15.07
C GLY A 370 4.53 -19.07 16.27
N GLN A 371 3.45 -19.28 17.00
CA GLN A 371 3.23 -18.47 18.19
C GLN A 371 4.38 -18.61 19.17
N GLN A 372 4.92 -19.83 19.32
CA GLN A 372 6.02 -20.03 20.27
C GLN A 372 7.29 -19.29 19.83
N GLY A 373 7.51 -19.18 18.52
CA GLY A 373 8.66 -18.41 18.04
C GLY A 373 8.54 -16.92 18.35
N TYR A 374 7.35 -16.33 18.14
CA TYR A 374 7.18 -14.95 18.52
C TYR A 374 7.29 -14.75 20.04
N ALA A 375 6.78 -15.70 20.81
CA ALA A 375 6.91 -15.59 22.25
C ALA A 375 8.39 -15.46 22.61
N ARG A 376 9.24 -16.28 21.95
CA ARG A 376 10.69 -16.26 22.21
C ARG A 376 11.28 -14.90 21.80
N LEU A 377 10.96 -14.45 20.59
CA LEU A 377 11.46 -13.18 20.06
C LEU A 377 11.07 -12.03 20.99
N ILE A 378 9.79 -12.02 21.38
CA ILE A 378 9.31 -10.94 22.22
C ILE A 378 9.96 -10.96 23.62
N ASP A 379 10.03 -12.15 24.23
CA ASP A 379 10.65 -12.20 25.56
C ASP A 379 12.12 -11.81 25.50
N ASP A 380 12.83 -12.25 24.46
CA ASP A 380 14.23 -11.86 24.36
C ASP A 380 14.39 -10.35 24.12
N GLY A 381 13.44 -9.75 23.40
CA GLY A 381 13.41 -8.30 23.19
C GLY A 381 13.28 -7.58 24.53
N TYR A 382 12.35 -8.03 25.37
CA TYR A 382 12.23 -7.47 26.73
C TYR A 382 13.54 -7.64 27.50
N ARG A 383 14.16 -8.81 27.40
CA ARG A 383 15.39 -9.05 28.18
C ARG A 383 16.50 -8.08 27.77
N LEU A 384 16.68 -7.86 26.47
CA LEU A 384 17.67 -6.90 26.02
C LEU A 384 17.32 -5.48 26.41
N ALA A 385 16.04 -5.10 26.28
CA ALA A 385 15.62 -3.78 26.72
C ALA A 385 15.93 -3.55 28.20
N GLU A 386 15.70 -4.59 29.00
CA GLU A 386 15.93 -4.48 30.46
C GLU A 386 17.42 -4.26 30.76
N ARG A 387 18.28 -4.83 29.91
CA ARG A 387 19.73 -4.64 30.04
C ARG A 387 20.07 -3.20 29.74
N VAL A 388 19.41 -2.62 28.73
CA VAL A 388 19.63 -1.21 28.46
C VAL A 388 19.14 -0.37 29.64
N VAL A 389 17.95 -0.68 30.14
CA VAL A 389 17.41 0.08 31.29
C VAL A 389 18.40 0.02 32.47
N GLU A 390 18.88 -1.18 32.74
CA GLU A 390 19.82 -1.37 33.86
C GLU A 390 21.01 -0.44 33.73
N GLY A 391 21.58 -0.41 32.52
CA GLY A 391 22.75 0.41 32.25
C GLY A 391 22.48 1.89 32.41
N VAL A 392 21.30 2.29 31.96
CA VAL A 392 20.90 3.71 32.05
C VAL A 392 20.72 4.11 33.53
N ARG A 393 20.01 3.27 34.28
CA ARG A 393 19.79 3.51 35.70
C ARG A 393 21.06 3.60 36.50
N GLN A 394 22.03 2.73 36.23
CA GLN A 394 23.19 2.81 37.09
C GLN A 394 24.08 4.04 36.82
N ARG A 395 23.94 4.65 35.65
CA ARG A 395 24.71 5.84 35.27
C ARG A 395 23.95 7.13 35.61
N PRO A 396 24.48 7.94 36.55
CA PRO A 396 23.80 9.18 36.94
C PRO A 396 23.62 10.11 35.76
N PHE A 397 24.53 10.05 34.79
CA PHE A 397 24.50 11.02 33.68
C PHE A 397 23.54 10.63 32.56
N LEU A 398 22.99 9.41 32.61
CA LEU A 398 21.97 9.00 31.65
C LEU A 398 20.63 8.86 32.36
N ARG A 399 19.58 9.38 31.73
N ARG A 399 19.57 9.36 31.73
CA ARG A 399 18.22 9.31 32.28
CA ARG A 399 18.22 9.32 32.28
C ARG A 399 17.25 8.62 31.33
C ARG A 399 17.23 8.63 31.33
N LEU A 400 16.36 7.78 31.88
CA LEU A 400 15.28 7.17 31.12
C LEU A 400 14.17 8.19 30.87
N ALA A 401 13.51 8.07 29.73
CA ALA A 401 12.33 8.87 29.48
C ALA A 401 11.25 8.50 30.48
N GLY A 402 11.19 7.23 30.84
CA GLY A 402 10.27 6.77 31.87
C GLY A 402 10.31 5.25 31.87
N GLU A 403 9.35 4.64 32.57
N GLU A 403 9.41 4.62 32.60
CA GLU A 403 9.15 3.18 32.58
CA GLU A 403 9.42 3.16 32.61
C GLU A 403 9.02 2.65 31.16
C GLU A 403 9.01 2.63 31.24
N ILE A 404 9.41 1.39 30.95
CA ILE A 404 9.21 0.84 29.61
C ILE A 404 8.09 -0.19 29.62
N ASP A 405 7.32 -0.24 28.54
CA ASP A 405 6.25 -1.23 28.39
C ASP A 405 6.50 -2.28 27.31
N THR A 406 7.46 -2.02 26.44
CA THR A 406 7.80 -2.90 25.33
C THR A 406 9.33 -2.92 25.19
N ASN A 407 9.84 -3.50 24.11
CA ASN A 407 11.27 -3.64 23.92
C ASN A 407 11.88 -2.40 23.30
N ILE A 408 11.47 -1.25 23.81
CA ILE A 408 11.93 0.04 23.37
C ILE A 408 12.37 0.84 24.59
N VAL A 409 13.54 1.45 24.50
CA VAL A 409 14.03 2.31 25.54
C VAL A 409 14.42 3.63 24.93
N CYS A 410 13.82 4.66 25.49
N CYS A 410 13.80 4.69 25.47
CA CYS A 410 14.29 6.01 25.25
CA CYS A 410 14.18 6.06 25.15
C CYS A 410 15.02 6.53 26.45
C CYS A 410 14.90 6.67 26.37
N PHE A 411 16.09 7.24 26.18
CA PHE A 411 16.94 7.71 27.27
C PHE A 411 17.84 8.80 26.71
N ARG A 412 18.43 9.62 27.57
CA ARG A 412 19.41 10.59 27.07
C ARG A 412 20.44 10.94 28.10
N GLY A 413 21.56 11.51 27.64
CA GLY A 413 22.50 12.10 28.59
C GLY A 413 21.92 13.41 29.11
N GLU A 414 21.97 13.58 30.43
CA GLU A 414 21.73 14.88 31.09
C GLU A 414 22.93 15.21 32.00
N PRO A 415 24.14 15.33 31.42
CA PRO A 415 25.36 15.38 32.24
C PRO A 415 25.38 16.63 33.08
N ASP A 416 25.55 16.53 34.40
CA ASP A 416 25.38 17.72 35.20
C ASP A 416 26.59 18.63 35.10
N TRP A 417 27.66 18.16 34.45
CA TRP A 417 28.84 19.00 34.26
C TRP A 417 28.75 19.87 33.01
N LEU A 418 27.64 19.80 32.29
CA LEU A 418 27.40 20.69 31.15
C LEU A 418 26.08 21.43 31.36
N PRO A 419 25.99 22.69 30.90
CA PRO A 419 24.72 23.42 30.92
C PRO A 419 23.67 22.68 30.08
N ALA A 420 22.43 22.69 30.54
CA ALA A 420 21.37 21.97 29.86
C ALA A 420 21.23 22.37 28.38
N GLU A 421 21.62 23.60 28.06
CA GLU A 421 21.50 24.12 26.72
C GLU A 421 22.36 23.33 25.74
N ARG A 422 23.36 22.64 26.27
CA ARG A 422 24.28 21.86 25.47
C ARG A 422 23.88 20.37 25.33
N TRP A 423 22.81 19.94 26.01
CA TRP A 423 22.51 18.50 26.04
C TRP A 423 22.07 17.96 24.69
N ASP A 424 21.32 18.74 23.93
CA ASP A 424 20.90 18.27 22.63
C ASP A 424 22.10 17.98 21.76
N ASP A 425 23.08 18.89 21.77
CA ASP A 425 24.30 18.71 20.99
C ASP A 425 25.10 17.51 21.47
N TRP A 426 25.13 17.32 22.78
CA TRP A 426 25.82 16.20 23.40
C TRP A 426 25.21 14.88 22.93
N ASN A 427 23.89 14.78 22.96
CA ASN A 427 23.24 13.51 22.60
C ASN A 427 23.35 13.25 21.11
N ALA A 428 23.22 14.32 20.32
CA ALA A 428 23.49 14.24 18.87
C ALA A 428 24.92 13.77 18.58
N ALA A 429 25.92 14.34 19.24
CA ALA A 429 27.31 13.92 19.02
C ALA A 429 27.49 12.44 19.43
N LEU A 430 26.83 12.06 20.51
CA LEU A 430 26.93 10.67 20.96
C LEU A 430 26.28 9.71 19.93
N GLN A 431 25.08 10.03 19.47
CA GLN A 431 24.45 9.19 18.44
C GLN A 431 25.36 9.01 17.23
N ALA A 432 26.01 10.10 16.82
CA ALA A 432 26.85 10.06 15.62
C ALA A 432 28.10 9.21 15.83
N LEU A 433 28.70 9.33 17.01
CA LEU A 433 29.90 8.55 17.35
C LEU A 433 29.62 7.06 17.46
N LEU A 434 28.51 6.72 18.10
CA LEU A 434 28.06 5.32 18.21
C LEU A 434 27.91 4.72 16.81
N LEU A 435 27.32 5.49 15.90
CA LEU A 435 27.17 4.94 14.55
C LEU A 435 28.48 4.91 13.77
N ARG A 436 29.23 6.01 13.81
CA ARG A 436 30.42 6.14 12.96
C ARG A 436 31.52 5.22 13.42
N GLU A 437 31.72 5.16 14.74
CA GLU A 437 32.85 4.39 15.25
C GLU A 437 32.45 3.04 15.81
N GLY A 438 31.28 2.95 16.44
CA GLY A 438 30.85 1.68 17.01
C GLY A 438 29.99 0.82 16.07
N LYS A 439 29.55 1.38 14.95
CA LYS A 439 28.61 0.71 14.05
C LYS A 439 27.33 0.30 14.80
N ILE A 440 26.92 1.15 15.74
CA ILE A 440 25.68 0.91 16.48
C ILE A 440 24.73 2.02 16.16
N PHE A 441 23.52 1.67 15.73
CA PHE A 441 22.60 2.72 15.33
C PHE A 441 21.43 2.87 16.31
N LEU A 442 21.37 4.04 16.96
CA LEU A 442 20.24 4.48 17.80
C LEU A 442 19.56 5.61 17.05
N SER A 443 18.24 5.74 17.18
CA SER A 443 17.58 6.91 16.62
C SER A 443 17.66 8.08 17.59
N LEU A 444 17.42 9.30 17.07
CA LEU A 444 17.52 10.51 17.90
C LEU A 444 16.25 11.36 17.73
N PRO A 445 15.13 10.87 18.26
CA PRO A 445 13.89 11.63 18.17
C PRO A 445 13.90 12.92 18.98
N VAL A 446 13.06 13.85 18.55
CA VAL A 446 12.71 14.97 19.37
C VAL A 446 11.63 14.48 20.32
N TYR A 447 11.81 14.73 21.61
CA TYR A 447 10.82 14.32 22.60
C TYR A 447 10.87 15.28 23.75
N ARG A 448 9.70 15.68 24.23
CA ARG A 448 9.64 16.70 25.29
C ARG A 448 10.56 17.89 25.04
N GLY A 449 10.63 18.34 23.79
CA GLY A 449 11.35 19.57 23.51
C GLY A 449 12.85 19.37 23.43
N GLY A 450 13.33 18.13 23.56
CA GLY A 450 14.76 17.88 23.45
C GLY A 450 15.09 16.72 22.55
N ARG A 451 16.37 16.45 22.35
CA ARG A 451 16.79 15.28 21.59
C ARG A 451 17.12 14.11 22.52
N TRP A 452 16.46 12.99 22.29
CA TRP A 452 16.67 11.78 23.09
C TRP A 452 17.17 10.67 22.22
N LEU A 453 17.93 9.73 22.82
CA LEU A 453 18.34 8.52 22.14
C LEU A 453 17.21 7.50 22.24
N ARG A 454 17.14 6.62 21.26
CA ARG A 454 16.05 5.67 21.28
C ARG A 454 16.55 4.35 20.74
N ALA A 455 16.41 3.33 21.58
CA ALA A 455 16.74 1.95 21.20
C ALA A 455 15.47 1.13 20.98
N VAL A 456 15.44 0.36 19.89
CA VAL A 456 14.34 -0.55 19.59
C VAL A 456 15.03 -1.92 19.38
N LEU A 457 14.86 -2.83 20.34
CA LEU A 457 15.65 -4.06 20.36
C LEU A 457 14.94 -5.18 19.60
N LEU A 458 15.00 -5.12 18.27
CA LEU A 458 14.27 -6.04 17.38
C LEU A 458 15.12 -7.08 16.73
N ASN A 459 16.35 -6.71 16.35
CA ASN A 459 17.16 -7.68 15.60
C ASN A 459 17.38 -8.96 16.44
N PRO A 460 16.98 -10.14 15.91
CA PRO A 460 17.10 -11.40 16.67
C PRO A 460 18.56 -11.74 16.98
N TYR A 461 19.47 -11.11 16.23
CA TYR A 461 20.89 -11.39 16.37
C TYR A 461 21.66 -10.35 17.20
N THR A 462 20.99 -9.30 17.68
CA THR A 462 21.61 -8.39 18.64
C THR A 462 21.83 -9.17 19.96
N THR A 463 23.04 -9.06 20.49
CA THR A 463 23.40 -9.81 21.70
C THR A 463 23.68 -8.87 22.85
N ASP A 464 23.79 -9.43 24.06
CA ASP A 464 24.24 -8.67 25.22
C ASP A 464 25.53 -7.92 24.96
N ALA A 465 26.42 -8.54 24.20
CA ALA A 465 27.71 -7.92 23.89
C ALA A 465 27.57 -6.61 23.11
N VAL A 466 26.57 -6.51 22.23
CA VAL A 466 26.33 -5.25 21.48
C VAL A 466 25.96 -4.14 22.45
N ILE A 467 25.05 -4.46 23.37
CA ILE A 467 24.63 -3.49 24.37
C ILE A 467 25.83 -3.08 25.27
N ASP A 468 26.64 -4.05 25.67
CA ASP A 468 27.82 -3.77 26.49
C ASP A 468 28.79 -2.86 25.75
N ALA A 469 28.96 -3.11 24.46
CA ALA A 469 29.85 -2.31 23.61
C ALA A 469 29.30 -0.87 23.51
N PHE A 471 27.45 0.79 25.78
CA PHE A 471 27.78 1.48 27.01
C PHE A 471 29.27 1.81 27.18
N LYS A 472 30.13 0.91 26.71
CA LYS A 472 31.56 1.20 26.79
C LYS A 472 31.87 2.48 25.98
N GLN A 473 31.27 2.60 24.82
CA GLN A 473 31.47 3.78 23.97
C GLN A 473 30.81 5.01 24.58
N ILE A 474 29.62 4.84 25.16
CA ILE A 474 28.97 5.95 25.83
C ILE A 474 29.82 6.46 27.00
N ASP A 475 30.32 5.54 27.83
CA ASP A 475 31.18 5.95 28.93
C ASP A 475 32.44 6.68 28.44
N ARG A 476 33.05 6.21 27.36
CA ARG A 476 34.29 6.86 26.91
C ARG A 476 33.98 8.29 26.45
N PHE A 477 32.88 8.44 25.73
CA PHE A 477 32.44 9.75 25.26
C PHE A 477 32.16 10.69 26.44
N ALA A 478 31.45 10.18 27.44
CA ALA A 478 31.11 10.96 28.61
C ALA A 478 32.36 11.41 29.37
N GLY A 479 33.44 10.64 29.27
CA GLY A 479 34.70 11.00 29.88
C GLY A 479 35.43 12.18 29.25
N ARG A 480 35.08 12.56 28.03
CA ARG A 480 35.82 13.62 27.34
C ARG A 480 35.93 14.93 28.15
N GLU A 481 34.81 15.59 28.37
CA GLU A 481 34.82 16.94 28.96
C GLU A 481 34.70 16.99 30.49
N ARG A 482 35.43 16.09 31.16
CA ARG A 482 35.61 16.08 32.63
C ARG A 482 34.40 15.52 33.38
N GLY A 483 33.79 14.46 32.85
CA GLY A 483 32.59 13.93 33.46
C GLY A 483 32.74 12.60 34.17
N PHE B 8 10.02 -21.79 20.55
CA PHE B 8 11.35 -21.93 19.97
C PHE B 8 11.34 -21.30 18.59
N LEU B 9 12.52 -20.93 18.10
CA LEU B 9 12.65 -20.39 16.75
C LEU B 9 13.37 -21.38 15.85
N PRO B 10 12.77 -21.73 14.71
CA PRO B 10 13.52 -22.60 13.78
C PRO B 10 14.77 -21.90 13.27
N ALA B 11 15.80 -22.68 12.96
CA ALA B 11 17.11 -22.13 12.59
C ALA B 11 17.07 -21.25 11.35
N THR B 12 16.12 -21.50 10.44
CA THR B 12 16.05 -20.69 9.19
C THR B 12 14.95 -19.62 9.23
N ALA B 13 14.40 -19.34 10.41
CA ALA B 13 13.36 -18.31 10.49
C ALA B 13 13.85 -16.94 9.95
N PHE B 14 15.14 -16.68 10.18
CA PHE B 14 15.84 -15.48 9.70
C PHE B 14 17.12 -15.91 9.02
N ILE B 15 17.70 -14.99 8.25
CA ILE B 15 18.99 -15.23 7.65
C ILE B 15 20.04 -14.62 8.57
N ASP B 16 20.89 -15.46 9.11
CA ASP B 16 21.91 -14.99 10.04
C ASP B 16 22.90 -14.09 9.29
N PRO B 17 23.13 -12.84 9.78
CA PRO B 17 23.97 -11.87 9.05
C PRO B 17 25.46 -12.15 9.15
N GLU B 18 25.80 -13.12 9.99
CA GLU B 18 27.16 -13.58 10.13
C GLU B 18 27.36 -14.95 9.52
N GLY B 19 26.40 -15.42 8.72
CA GLY B 19 26.67 -16.54 7.83
C GLY B 19 26.42 -17.90 8.48
N ARG B 20 26.00 -17.91 9.72
CA ARG B 20 26.04 -19.18 10.46
C ARG B 20 24.95 -20.20 10.05
N ASN B 21 23.92 -19.77 9.32
CA ASN B 21 22.90 -20.68 8.79
C ASN B 21 22.80 -20.60 7.26
N ARG B 22 23.92 -20.21 6.64
CA ARG B 22 23.94 -19.98 5.18
C ARG B 22 23.48 -21.19 4.38
N ASN B 23 24.08 -22.36 4.63
CA ASN B 23 23.74 -23.55 3.85
C ASN B 23 22.25 -23.88 3.97
N GLU B 24 21.73 -23.83 5.19
CA GLU B 24 20.31 -24.15 5.43
C GLU B 24 19.36 -23.13 4.77
N VAL B 25 19.71 -21.85 4.86
CA VAL B 25 18.92 -20.81 4.22
C VAL B 25 18.96 -20.94 2.70
N GLU B 26 20.14 -21.25 2.18
CA GLU B 26 20.27 -21.38 0.72
C GLU B 26 19.39 -22.50 0.21
N ARG B 27 19.38 -23.63 0.92
CA ARG B 27 18.56 -24.76 0.51
C ARG B 27 17.06 -24.47 0.55
N LEU B 28 16.60 -23.84 1.61
CA LEU B 28 15.20 -23.44 1.67
C LEU B 28 14.81 -22.45 0.55
N VAL B 29 15.61 -21.41 0.37
CA VAL B 29 15.32 -20.41 -0.68
C VAL B 29 15.32 -21.08 -2.05
N GLN B 30 16.27 -22.01 -2.27
CA GLN B 30 16.37 -22.66 -3.59
C GLN B 30 15.14 -23.51 -3.88
N GLN B 31 14.56 -24.12 -2.84
CA GLN B 31 13.39 -24.96 -3.03
C GLN B 31 12.24 -24.09 -3.52
N VAL B 32 12.08 -22.92 -2.92
CA VAL B 32 10.99 -22.05 -3.31
C VAL B 32 11.23 -21.49 -4.71
N VAL B 33 12.46 -21.11 -4.97
CA VAL B 33 12.78 -20.52 -6.28
C VAL B 33 12.54 -21.56 -7.39
N ASP B 34 13.00 -22.80 -7.17
CA ASP B 34 12.80 -23.87 -8.15
C ASP B 34 11.32 -24.13 -8.39
N LEU B 35 10.52 -24.13 -7.33
CA LEU B 35 9.08 -24.35 -7.46
C LEU B 35 8.45 -23.21 -8.30
N ILE B 36 8.78 -21.98 -7.97
CA ILE B 36 8.20 -20.85 -8.69
C ILE B 36 8.62 -20.85 -10.16
N LEU B 37 9.88 -21.11 -10.41
CA LEU B 37 10.33 -21.16 -11.80
C LEU B 37 9.62 -22.28 -12.58
N ALA B 38 9.40 -23.41 -11.93
CA ALA B 38 8.74 -24.51 -12.63
C ALA B 38 7.29 -24.10 -12.97
N LYS B 39 6.61 -23.45 -12.04
CA LYS B 39 5.19 -23.06 -12.23
C LYS B 39 5.05 -21.90 -13.27
N LEU B 40 6.03 -21.00 -13.29
CA LEU B 40 5.94 -19.92 -14.29
C LEU B 40 6.40 -20.33 -15.69
N THR B 41 7.47 -21.12 -15.81
CA THR B 41 7.91 -21.57 -17.15
C THR B 41 6.96 -22.63 -17.70
N GLY B 42 6.11 -23.18 -16.83
CA GLY B 42 5.11 -24.14 -17.25
C GLY B 42 3.71 -23.60 -17.02
N ALA B 43 3.58 -22.28 -17.01
CA ALA B 43 2.30 -21.67 -16.64
C ALA B 43 1.17 -22.03 -17.61
N ALA B 44 1.45 -22.27 -18.90
CA ALA B 44 0.39 -22.67 -19.81
C ALA B 44 -0.21 -24.05 -19.49
N GLU B 45 0.42 -24.81 -18.59
CA GLU B 45 -0.14 -26.06 -18.10
C GLU B 45 -1.28 -25.86 -17.07
N ARG B 46 -1.45 -24.63 -16.62
CA ARG B 46 -2.56 -24.31 -15.70
C ARG B 46 -3.55 -23.42 -16.44
N PRO B 47 -4.86 -23.68 -16.29
CA PRO B 47 -5.83 -22.86 -17.01
C PRO B 47 -5.82 -21.41 -16.50
N PRO B 48 -6.42 -20.49 -17.26
CA PRO B 48 -6.47 -19.06 -16.88
C PRO B 48 -7.09 -18.84 -15.48
N PRO B 50 -8.57 -21.07 -11.88
CA PRO B 50 -8.42 -22.38 -11.25
C PRO B 50 -9.76 -23.10 -11.15
N GLU B 51 -9.70 -24.40 -10.93
CA GLU B 51 -10.87 -25.25 -10.70
C GLU B 51 -11.46 -24.96 -9.34
N PRO B 56 -12.14 -22.66 2.19
CA PRO B 56 -11.64 -23.48 3.30
C PRO B 56 -12.46 -23.28 4.58
N GLY B 57 -12.14 -24.07 5.61
CA GLY B 57 -12.75 -23.91 6.92
C GLY B 57 -11.84 -23.03 7.75
N PRO B 58 -12.11 -22.88 9.07
CA PRO B 58 -11.26 -21.95 9.81
C PRO B 58 -9.76 -22.33 9.84
N ILE B 59 -9.00 -21.28 10.09
CA ILE B 59 -7.57 -21.23 9.97
C ILE B 59 -7.06 -21.17 11.40
N THR B 60 -5.96 -21.85 11.69
N THR B 60 -5.96 -21.85 11.67
CA THR B 60 -5.35 -21.77 13.00
CA THR B 60 -5.32 -21.86 12.99
C THR B 60 -3.89 -21.36 12.88
C THR B 60 -3.88 -21.35 12.85
N ILE B 61 -3.48 -20.39 13.67
CA ILE B 61 -2.08 -19.96 13.64
C ILE B 61 -1.33 -20.96 14.52
N PRO B 62 -0.32 -21.69 13.97
CA PRO B 62 0.19 -22.83 14.75
C PRO B 62 0.98 -22.37 15.95
N GLU B 63 0.96 -23.16 17.03
CA GLU B 63 1.71 -22.83 18.20
C GLU B 63 3.19 -23.03 17.89
N ALA B 64 3.52 -24.15 17.24
CA ALA B 64 4.91 -24.54 16.97
C ALA B 64 5.16 -24.29 15.47
N ALA B 65 6.38 -23.92 15.15
CA ALA B 65 6.81 -23.73 13.76
C ALA B 65 6.38 -24.87 12.85
N ALA B 66 5.85 -24.51 11.66
CA ALA B 66 5.59 -25.46 10.58
C ALA B 66 6.92 -25.95 10.01
N THR B 67 6.90 -27.16 9.48
CA THR B 67 8.06 -27.74 8.82
C THR B 67 8.24 -27.11 7.45
N GLU B 68 9.45 -27.20 6.92
CA GLU B 68 9.68 -26.66 5.57
C GLU B 68 8.83 -27.42 4.53
N ALA B 69 8.63 -28.73 4.72
CA ALA B 69 7.69 -29.49 3.88
C ALA B 69 6.30 -28.86 3.83
N THR B 70 5.74 -28.55 5.01
CA THR B 70 4.44 -27.93 5.13
C THR B 70 4.40 -26.58 4.41
N LEU B 71 5.43 -25.76 4.61
CA LEU B 71 5.51 -24.45 3.96
C LEU B 71 5.57 -24.59 2.44
N LEU B 72 6.38 -25.52 1.95
CA LEU B 72 6.48 -25.68 0.49
C LEU B 72 5.17 -26.20 -0.12
N GLN B 73 4.48 -27.08 0.59
CA GLN B 73 3.18 -27.53 0.13
C GLN B 73 2.17 -26.39 0.14
N ALA B 74 2.23 -25.53 1.16
CA ALA B 74 1.36 -24.35 1.17
C ALA B 74 1.60 -23.47 -0.06
N ILE B 75 2.86 -23.28 -0.43
CA ILE B 75 3.17 -22.44 -1.58
C ILE B 75 2.63 -23.09 -2.84
N ARG B 76 2.88 -24.38 -2.98
N ARG B 76 2.98 -24.37 -2.93
CA ARG B 76 2.36 -25.12 -4.12
CA ARG B 76 2.41 -25.24 -3.94
C ARG B 76 0.85 -24.99 -4.25
C ARG B 76 0.93 -24.95 -4.18
N ASP B 77 0.14 -25.14 -3.14
CA ASP B 77 -1.32 -25.04 -3.17
C ASP B 77 -1.77 -23.63 -3.52
N VAL B 79 -0.17 -21.38 -5.26
CA VAL B 79 0.07 -21.13 -6.69
C VAL B 79 -0.98 -21.87 -7.55
N ASP B 80 -1.20 -23.15 -7.25
CA ASP B 80 -2.11 -23.95 -8.08
C ASP B 80 -3.52 -23.41 -8.03
N GLY B 81 -3.86 -22.79 -6.92
CA GLY B 81 -5.19 -22.23 -6.79
C GLY B 81 -5.36 -20.78 -7.19
N SER B 82 -4.31 -20.12 -7.70
N SER B 82 -4.31 -20.17 -7.76
CA SER B 82 -4.40 -18.69 -8.02
CA SER B 82 -4.29 -18.73 -8.09
C SER B 82 -4.89 -18.45 -9.45
C SER B 82 -4.86 -18.46 -9.49
N ASN B 84 -4.35 -17.14 -13.19
CA ASN B 84 -3.13 -17.36 -13.94
C ASN B 84 -3.11 -16.52 -15.23
N PRO B 85 -2.80 -15.22 -15.12
CA PRO B 85 -2.73 -14.33 -16.29
C PRO B 85 -1.56 -14.64 -17.24
N ALA B 86 -0.66 -15.53 -16.83
CA ALA B 86 0.41 -15.91 -17.73
C ALA B 86 -0.10 -16.89 -18.79
N ASN B 87 -1.24 -17.54 -18.58
CA ASN B 87 -1.80 -18.40 -19.65
C ASN B 87 -2.15 -17.53 -20.87
N PRO B 88 -1.74 -17.94 -22.07
CA PRO B 88 -1.99 -17.09 -23.26
C PRO B 88 -3.49 -16.88 -23.55
N GLY B 89 -4.34 -17.72 -22.96
CA GLY B 89 -5.80 -17.59 -23.08
C GLY B 89 -6.41 -16.61 -22.08
N TYR B 90 -5.58 -16.01 -21.23
CA TYR B 90 -6.11 -15.06 -20.26
C TYR B 90 -6.15 -13.72 -20.96
N ILE B 91 -7.36 -13.32 -21.33
CA ILE B 91 -7.56 -12.08 -22.06
C ILE B 91 -8.67 -11.18 -21.49
N GLY B 92 -8.94 -11.27 -20.20
CA GLY B 92 -10.11 -10.62 -19.65
C GLY B 92 -10.03 -9.40 -18.74
N HIS B 93 -8.85 -9.08 -18.24
CA HIS B 93 -8.73 -8.05 -17.23
C HIS B 93 -7.47 -7.26 -17.41
N ASP B 95 -5.09 -7.11 -15.71
CA ASP B 95 -4.15 -7.71 -14.78
C ASP B 95 -3.19 -8.58 -15.58
N PRO B 96 -1.91 -8.03 -15.74
CA PRO B 96 -1.05 -8.80 -16.65
C PRO B 96 -0.14 -9.78 -15.95
N PRO B 98 3.44 -10.66 -14.84
CA PRO B 98 4.45 -9.69 -14.48
C PRO B 98 5.73 -9.83 -15.28
N ALA B 99 6.39 -8.70 -15.51
CA ALA B 99 7.74 -8.68 -16.08
C ALA B 99 8.69 -9.44 -15.15
N THR B 100 9.63 -10.14 -15.73
CA THR B 100 10.63 -10.89 -14.95
C THR B 100 11.33 -10.00 -13.90
N ALA B 102 10.23 -7.47 -12.52
CA ALA B 102 9.32 -6.96 -11.48
C ALA B 102 9.21 -7.99 -10.38
N ILE B 103 9.17 -9.24 -10.79
CA ILE B 103 9.25 -10.34 -9.80
C ILE B 103 10.57 -10.23 -9.03
N LEU B 104 11.68 -10.09 -9.74
CA LEU B 104 12.97 -10.01 -9.04
C LEU B 104 13.09 -8.75 -8.23
N GLY B 105 12.48 -7.68 -8.71
CA GLY B 105 12.55 -6.43 -7.98
C GLY B 105 11.86 -6.50 -6.61
N ASP B 106 10.73 -7.17 -6.54
CA ASP B 106 10.11 -7.38 -5.23
C ASP B 106 10.90 -8.34 -4.32
N LEU B 107 11.58 -9.33 -4.88
CA LEU B 107 12.50 -10.17 -4.08
C LEU B 107 13.57 -9.27 -3.46
N VAL B 108 14.18 -8.42 -4.29
CA VAL B 108 15.19 -7.48 -3.81
C VAL B 108 14.61 -6.50 -2.75
N ALA B 109 13.44 -5.94 -3.02
CA ALA B 109 12.84 -4.98 -2.08
C ALA B 109 12.57 -5.66 -0.74
N ALA B 110 11.98 -6.84 -0.77
CA ALA B 110 11.67 -7.52 0.51
C ALA B 110 12.96 -7.88 1.25
N ALA B 111 13.99 -8.29 0.52
CA ALA B 111 15.26 -8.66 1.16
C ALA B 111 15.90 -7.48 1.90
N VAL B 112 15.94 -6.27 1.32
CA VAL B 112 16.59 -5.23 2.11
C VAL B 112 15.60 -4.53 3.06
N ASN B 113 14.30 -4.65 2.75
CA ASN B 113 13.23 -4.25 3.66
C ASN B 113 13.38 -2.81 4.20
N ASN B 114 13.61 -1.88 3.28
CA ASN B 114 13.72 -0.45 3.61
C ASN B 114 12.34 0.13 3.63
N ASN B 115 12.22 1.40 4.02
CA ASN B 115 10.90 1.96 4.30
C ASN B 115 10.83 3.32 3.60
N LEU B 117 8.85 5.73 4.12
CA LEU B 117 8.47 6.77 5.06
C LEU B 117 9.42 7.97 5.08
N SER B 118 10.74 7.72 5.12
CA SER B 118 11.71 8.83 5.22
C SER B 118 13.00 8.53 4.46
N LEU B 119 13.78 9.57 4.18
CA LEU B 119 15.02 9.39 3.43
C LEU B 119 15.98 8.51 4.25
N GLU B 120 16.01 8.76 5.54
CA GLU B 120 16.83 8.02 6.49
C GLU B 120 16.56 6.50 6.39
N SER B 122 15.20 4.95 3.74
CA SER B 122 15.32 4.40 2.40
C SER B 122 16.30 5.26 1.61
N PRO B 123 17.57 5.24 2.03
CA PRO B 123 18.49 6.24 1.51
C PRO B 123 18.79 6.09 0.02
N SER B 124 18.78 4.93 -0.60
N SER B 124 18.72 4.86 -0.50
CA SER B 124 18.90 5.01 -2.06
CA SER B 124 19.02 4.56 -1.91
C SER B 124 17.53 5.29 -2.68
C SER B 124 17.76 4.35 -2.79
N PHE B 125 16.56 4.50 -2.20
CA PHE B 125 15.27 4.35 -2.87
C PHE B 125 14.47 5.68 -2.90
N SER B 126 14.58 6.50 -1.87
CA SER B 126 13.77 7.72 -1.82
C SER B 126 14.17 8.70 -2.93
N ARG B 127 15.45 8.99 -3.05
CA ARG B 127 15.86 9.93 -4.09
C ARG B 127 15.56 9.36 -5.47
N LEU B 128 15.72 8.04 -5.60
CA LEU B 128 15.44 7.42 -6.89
C LEU B 128 13.96 7.61 -7.26
N GLU B 129 13.09 7.38 -6.29
CA GLU B 129 11.67 7.50 -6.60
C GLU B 129 11.36 8.92 -7.04
N THR B 130 11.87 9.89 -6.29
CA THR B 130 11.57 11.29 -6.62
C THR B 130 12.08 11.65 -8.02
N LEU B 131 13.33 11.29 -8.31
CA LEU B 131 13.88 11.63 -9.61
C LEU B 131 13.17 10.90 -10.74
N LEU B 132 12.80 9.64 -10.50
CA LEU B 132 12.16 8.85 -11.54
C LEU B 132 10.77 9.40 -11.84
N LEU B 133 10.04 9.80 -10.81
CA LEU B 133 8.70 10.32 -11.07
C LEU B 133 8.79 11.69 -11.70
N ARG B 134 9.86 12.43 -11.44
CA ARG B 134 10.02 13.66 -12.23
C ARG B 134 10.22 13.36 -13.71
N ALA B 135 11.01 12.34 -14.03
CA ALA B 135 11.24 11.93 -15.41
C ALA B 135 9.90 11.49 -16.06
N ILE B 136 9.13 10.68 -15.34
CA ILE B 136 7.83 10.26 -15.89
C ILE B 136 6.90 11.45 -16.07
N ALA B 137 6.89 12.38 -15.13
CA ALA B 137 6.08 13.58 -15.30
C ALA B 137 6.48 14.30 -16.58
N GLY B 138 7.78 14.29 -16.89
CA GLY B 138 8.27 14.81 -18.14
C GLY B 138 7.65 14.17 -19.38
N LEU B 139 7.51 12.84 -19.36
CA LEU B 139 6.84 12.14 -20.46
C LEU B 139 5.37 12.57 -20.64
N PHE B 140 4.72 12.94 -19.55
CA PHE B 140 3.36 13.46 -19.61
C PHE B 140 3.32 14.95 -19.98
N GLY B 141 4.48 15.59 -20.10
CA GLY B 141 4.54 16.99 -20.49
C GLY B 141 4.09 18.01 -19.45
N LEU B 142 4.21 17.68 -18.16
CA LEU B 142 3.64 18.49 -17.05
C LEU B 142 4.43 19.75 -16.65
N GLY B 143 5.68 19.85 -17.10
CA GLY B 143 6.43 21.09 -16.89
C GLY B 143 7.45 21.00 -15.76
N GLU B 144 8.19 22.08 -15.53
CA GLU B 144 9.39 21.96 -14.71
C GLU B 144 9.14 21.87 -13.20
N GLN B 145 7.94 22.20 -12.75
CA GLN B 145 7.65 22.07 -11.30
C GLN B 145 7.04 20.71 -10.92
N ALA B 146 6.89 19.81 -11.89
CA ALA B 146 6.08 18.62 -11.70
C ALA B 146 6.80 17.54 -10.87
N GLY B 147 6.04 16.75 -10.13
CA GLY B 147 6.62 15.63 -9.41
C GLY B 147 5.48 14.85 -8.79
N GLY B 148 5.79 13.82 -8.02
CA GLY B 148 4.73 13.07 -7.43
C GLY B 148 5.27 11.98 -6.54
N VAL B 149 4.39 11.06 -6.15
CA VAL B 149 4.76 9.98 -5.28
C VAL B 149 4.17 8.68 -5.77
N LEU B 150 4.87 7.58 -5.50
CA LEU B 150 4.27 6.29 -5.74
C LEU B 150 3.27 5.98 -4.59
N THR B 151 2.21 5.26 -4.93
CA THR B 151 1.13 4.96 -3.99
C THR B 151 0.78 3.48 -4.15
N SER B 152 0.25 2.82 -3.13
CA SER B 152 -0.09 1.42 -3.30
C SER B 152 -1.44 1.27 -3.97
N GLY B 153 -1.47 1.55 -5.27
CA GLY B 153 -2.71 1.42 -6.04
C GLY B 153 -3.24 2.75 -6.55
N GLY B 154 -3.99 2.68 -7.65
CA GLY B 154 -4.52 3.87 -8.26
C GLY B 154 -5.66 4.48 -7.44
N SER B 155 -6.36 3.66 -6.63
CA SER B 155 -7.40 4.22 -5.77
C SER B 155 -6.82 5.26 -4.83
N LEU B 156 -5.67 4.95 -4.25
CA LEU B 156 -4.98 5.90 -3.34
C LEU B 156 -4.46 7.12 -4.09
N ALA B 157 -3.96 6.91 -5.28
CA ALA B 157 -3.55 8.04 -6.13
C ALA B 157 -4.75 9.00 -6.36
N ASN B 158 -5.89 8.44 -6.73
CA ASN B 158 -7.07 9.28 -6.92
C ASN B 158 -7.47 9.98 -5.64
N LEU B 159 -7.39 9.26 -4.52
CA LEU B 159 -7.75 9.83 -3.20
C LEU B 159 -6.87 11.05 -2.90
N GLN B 160 -5.57 10.88 -3.12
CA GLN B 160 -4.63 11.94 -2.83
C GLN B 160 -4.84 13.16 -3.76
N ALA B 161 -5.04 12.91 -5.06
CA ALA B 161 -5.33 14.03 -5.96
C ALA B 161 -6.57 14.84 -5.53
N LEU B 162 -7.63 14.09 -5.21
CA LEU B 162 -8.86 14.75 -4.81
C LEU B 162 -8.70 15.44 -3.45
N ALA B 163 -7.93 14.86 -2.52
CA ALA B 163 -7.63 15.54 -1.26
C ALA B 163 -6.96 16.89 -1.47
N VAL B 164 -5.93 16.90 -2.31
CA VAL B 164 -5.26 18.14 -2.66
C VAL B 164 -6.24 19.13 -3.29
N ALA B 165 -7.03 18.66 -4.26
CA ALA B 165 -8.00 19.54 -4.92
C ALA B 165 -8.95 20.19 -3.90
N ARG B 166 -9.41 19.37 -2.99
CA ARG B 166 -10.31 19.82 -1.92
C ARG B 166 -9.60 20.84 -1.02
N ASN B 167 -8.38 20.48 -0.63
CA ASN B 167 -7.61 21.34 0.28
C ASN B 167 -7.29 22.69 -0.33
N VAL B 168 -6.97 22.71 -1.63
CA VAL B 168 -6.73 23.98 -2.31
C VAL B 168 -8.02 24.81 -2.41
N ALA B 169 -9.15 24.17 -2.65
CA ALA B 169 -10.40 24.92 -2.86
C ALA B 169 -11.00 25.40 -1.54
N PHE B 170 -10.82 24.63 -0.45
CA PHE B 170 -11.50 24.98 0.80
C PHE B 170 -10.59 25.24 2.01
N ASP B 171 -9.28 25.21 1.78
N ASP B 171 -9.27 25.22 1.81
CA ASP B 171 -8.25 25.43 2.81
CA ASP B 171 -8.30 25.47 2.89
C ASP B 171 -8.54 24.56 4.04
C ASP B 171 -8.55 24.55 4.08
N SER B 172 -8.72 23.26 3.81
CA SER B 172 -9.24 22.36 4.81
C SER B 172 -8.21 21.56 5.60
N VAL B 173 -6.92 21.77 5.38
CA VAL B 173 -5.95 20.87 6.07
C VAL B 173 -6.15 20.91 7.58
N GLU B 174 -6.24 22.11 8.15
CA GLU B 174 -6.35 22.20 9.59
C GLU B 174 -7.79 22.25 10.11
N PRO B 175 -8.70 23.05 9.47
CA PRO B 175 -10.04 23.19 10.07
C PRO B 175 -11.05 22.16 9.57
N GLY B 176 -10.69 21.37 8.56
CA GLY B 176 -11.62 20.43 7.94
C GLY B 176 -12.66 21.12 7.07
N ILE B 177 -13.71 20.40 6.70
CA ILE B 177 -14.71 20.95 5.77
C ILE B 177 -16.12 20.93 6.35
N THR B 178 -16.28 20.74 7.66
CA THR B 178 -17.63 20.80 8.21
C THR B 178 -18.07 22.28 8.23
N GLY B 179 -19.36 22.54 8.26
CA GLY B 179 -19.83 23.93 8.29
C GLY B 179 -19.74 24.75 7.00
N LEU B 180 -19.64 24.09 5.85
CA LEU B 180 -19.71 24.75 4.54
C LEU B 180 -21.17 24.99 4.13
N ALA B 181 -21.46 26.14 3.55
CA ALA B 181 -22.86 26.45 3.20
C ALA B 181 -23.29 25.71 1.93
N GLN B 182 -22.30 25.32 1.14
CA GLN B 182 -22.53 24.67 -0.15
C GLN B 182 -21.81 23.33 -0.22
N ARG B 183 -22.44 22.32 -0.80
CA ARG B 183 -21.79 21.02 -0.91
C ARG B 183 -20.72 21.03 -2.00
N PRO B 184 -19.47 20.71 -1.64
CA PRO B 184 -18.44 20.53 -2.67
C PRO B 184 -18.81 19.36 -3.58
N VAL B 185 -18.65 19.53 -4.87
CA VAL B 185 -18.89 18.45 -5.80
C VAL B 185 -17.80 18.29 -6.84
N ILE B 186 -17.70 17.08 -7.38
N ILE B 186 -17.69 17.12 -7.41
CA ILE B 186 -16.70 16.61 -8.39
CA ILE B 186 -16.76 16.99 -8.51
C ILE B 186 -17.43 16.11 -9.63
C ILE B 186 -17.59 16.45 -9.65
N PHE B 187 -17.00 16.52 -10.84
CA PHE B 187 -17.62 15.98 -12.05
C PHE B 187 -16.75 14.88 -12.63
N ALA B 188 -17.40 13.80 -13.07
CA ALA B 188 -16.65 12.72 -13.74
C ALA B 188 -17.58 12.02 -14.70
N SER B 189 -17.01 11.32 -15.67
CA SER B 189 -17.83 10.59 -16.61
C SER B 189 -18.65 9.53 -15.88
N GLU B 190 -19.84 9.26 -16.43
CA GLU B 190 -20.63 8.14 -15.94
C GLU B 190 -19.85 6.83 -16.05
N ALA B 191 -18.85 6.80 -16.94
CA ALA B 191 -17.98 5.61 -17.11
C ALA B 191 -16.71 5.65 -16.23
N ALA B 192 -16.55 6.67 -15.39
CA ALA B 192 -15.32 6.76 -14.59
C ALA B 192 -15.29 5.70 -13.48
N HIS B 193 -14.11 5.52 -12.88
CA HIS B 193 -13.89 4.45 -11.90
C HIS B 193 -14.57 4.73 -10.58
N THR B 194 -15.07 3.70 -9.92
CA THR B 194 -15.74 3.91 -8.62
C THR B 194 -14.82 4.36 -7.48
N SER B 195 -13.49 4.35 -7.67
CA SER B 195 -12.61 4.86 -6.64
C SER B 195 -12.85 6.34 -6.45
N LEU B 196 -13.49 7.00 -7.42
CA LEU B 196 -13.83 8.39 -7.20
C LEU B 196 -14.91 8.53 -6.13
N GLN B 197 -15.91 7.65 -6.16
N GLN B 197 -15.89 7.63 -6.14
CA GLN B 197 -16.95 7.67 -5.14
CA GLN B 197 -16.95 7.67 -5.13
C GLN B 197 -16.37 7.27 -3.78
C GLN B 197 -16.40 7.23 -3.78
N LYS B 198 -15.50 6.26 -3.79
CA LYS B 198 -14.88 5.81 -2.52
C LYS B 198 -14.02 6.95 -1.96
N ALA B 199 -13.27 7.61 -2.82
CA ALA B 199 -12.51 8.77 -2.35
C ALA B 199 -13.43 9.89 -1.81
N ALA B 200 -14.50 10.21 -2.53
CA ALA B 200 -15.42 11.27 -2.08
C ALA B 200 -15.94 10.90 -0.69
N LEU B 202 -14.39 9.09 1.60
CA LEU B 202 -13.32 9.08 2.57
C LEU B 202 -13.04 10.51 2.88
N LEU B 203 -13.11 11.38 1.85
CA LEU B 203 -12.80 12.79 2.03
C LEU B 203 -13.86 13.61 2.77
N GLY B 204 -14.98 12.97 3.14
CA GLY B 204 -16.01 13.66 3.91
C GLY B 204 -16.98 14.40 3.00
N LEU B 205 -16.84 14.19 1.69
CA LEU B 205 -17.72 14.79 0.70
C LEU B 205 -18.98 13.97 0.42
N GLY B 206 -18.91 12.66 0.67
CA GLY B 206 -20.01 11.73 0.46
C GLY B 206 -19.96 11.22 -0.96
N THR B 207 -20.43 10.00 -1.18
CA THR B 207 -20.42 9.42 -2.52
C THR B 207 -21.28 10.22 -3.51
N ALA B 208 -22.29 10.91 -3.01
CA ALA B 208 -23.20 11.68 -3.88
C ALA B 208 -22.55 12.96 -4.39
N ALA B 209 -21.34 13.29 -3.89
CA ALA B 209 -20.63 14.47 -4.38
C ALA B 209 -20.02 14.24 -5.77
N VAL B 210 -19.98 13.00 -6.22
CA VAL B 210 -19.42 12.72 -7.56
C VAL B 210 -20.61 12.80 -8.55
N ILE B 211 -20.68 13.89 -9.29
CA ILE B 211 -21.80 14.10 -10.22
C ILE B 211 -21.48 13.50 -11.60
N PRO B 212 -22.31 12.54 -12.06
CA PRO B 212 -21.93 11.85 -13.30
C PRO B 212 -22.24 12.73 -14.52
N VAL B 213 -21.32 12.73 -15.46
CA VAL B 213 -21.50 13.44 -16.73
C VAL B 213 -21.79 12.41 -17.82
N ARG B 214 -22.71 12.71 -18.74
CA ARG B 214 -23.08 11.76 -19.79
C ARG B 214 -21.85 11.34 -20.59
N ALA B 215 -21.78 10.06 -20.95
CA ALA B 215 -20.78 9.59 -21.89
C ALA B 215 -21.44 9.30 -23.21
N THR B 216 -20.68 9.41 -24.28
CA THR B 216 -21.16 9.13 -25.62
C THR B 216 -21.36 7.64 -25.85
N ALA B 217 -21.85 7.32 -27.05
CA ALA B 217 -21.97 5.92 -27.47
C ALA B 217 -20.60 5.22 -27.48
N ASP B 218 -19.53 6.00 -27.55
CA ASP B 218 -18.17 5.43 -27.46
C ASP B 218 -17.57 5.58 -26.06
N SER B 219 -18.42 5.81 -25.06
CA SER B 219 -18.03 5.83 -23.63
C SER B 219 -17.00 6.91 -23.32
N ARG B 220 -17.08 8.02 -24.06
CA ARG B 220 -16.24 9.15 -23.80
C ARG B 220 -17.08 10.28 -23.20
N ASP B 222 -18.91 13.57 -22.49
CA ASP B 222 -19.45 14.58 -23.39
C ASP B 222 -19.20 15.96 -22.79
N PRO B 223 -18.34 16.74 -23.44
CA PRO B 223 -17.96 18.04 -22.91
C PRO B 223 -19.16 18.97 -22.78
N GLU B 224 -20.09 18.90 -23.72
CA GLU B 224 -21.27 19.76 -23.64
C GLU B 224 -22.04 19.45 -22.37
N ASP B 225 -22.18 18.17 -22.04
CA ASP B 225 -22.87 17.78 -20.82
C ASP B 225 -22.17 18.25 -19.55
N LEU B 226 -20.92 18.25 -19.54
CA LEU B 226 -20.10 18.78 -18.46
C LEU B 226 -20.40 20.25 -18.22
N ARG B 227 -20.25 21.06 -19.27
CA ARG B 227 -20.16 22.51 -19.13
C ARG B 227 -21.45 22.91 -18.47
N ALA B 228 -22.41 22.18 -18.90
CA ALA B 228 -23.82 22.21 -18.52
C ALA B 228 -24.05 21.79 -17.07
N ARG B 229 -23.48 20.65 -16.69
CA ARG B 229 -23.61 20.18 -15.32
C ARG B 229 -23.02 21.21 -14.37
N ILE B 230 -21.93 21.84 -14.78
CA ILE B 230 -21.30 22.84 -13.96
C ILE B 230 -22.23 24.02 -13.72
N ASP B 231 -22.94 24.46 -14.76
CA ASP B 231 -23.91 25.53 -14.62
C ASP B 231 -25.07 25.13 -13.72
N GLN B 232 -25.53 23.89 -13.88
CA GLN B 232 -26.62 23.39 -13.07
C GLN B 232 -26.28 23.27 -11.58
N ALA B 233 -25.08 22.81 -11.27
CA ALA B 233 -24.69 22.65 -9.87
C ALA B 233 -24.63 23.99 -9.14
N ARG B 234 -24.04 24.97 -9.79
CA ARG B 234 -23.96 26.29 -9.20
C ARG B 234 -25.37 26.80 -8.95
N GLY B 235 -26.28 26.51 -9.87
CA GLY B 235 -27.68 26.81 -9.67
C GLY B 235 -28.35 26.06 -8.53
N ALA B 236 -27.85 24.88 -8.20
CA ALA B 236 -28.44 24.06 -7.15
C ALA B 236 -27.70 24.25 -5.83
N GLY B 237 -27.05 25.39 -5.66
CA GLY B 237 -26.26 25.68 -4.48
C GLY B 237 -25.03 24.82 -4.18
N GLN B 238 -24.50 24.10 -5.17
CA GLN B 238 -23.35 23.22 -4.94
C GLN B 238 -22.07 23.95 -5.27
N HIS B 239 -20.90 23.40 -4.88
CA HIS B 239 -19.69 24.12 -5.12
C HIS B 239 -18.66 23.22 -5.79
N PRO B 240 -18.71 23.20 -7.13
CA PRO B 240 -17.78 22.44 -7.97
C PRO B 240 -16.33 22.83 -7.64
N PHE B 241 -15.44 21.84 -7.52
CA PHE B 241 -14.02 22.18 -7.32
C PHE B 241 -13.06 21.30 -8.14
N CYS B 242 -13.60 20.32 -8.86
CA CYS B 242 -12.74 19.38 -9.58
C CYS B 242 -13.49 18.70 -10.69
N VAL B 243 -12.80 18.50 -11.81
CA VAL B 243 -13.27 17.69 -12.90
C VAL B 243 -12.27 16.57 -13.10
N VAL B 244 -12.77 15.34 -13.18
CA VAL B 244 -11.93 14.20 -13.48
C VAL B 244 -12.22 13.64 -14.88
N ALA B 245 -11.22 13.68 -15.76
CA ALA B 245 -11.30 13.00 -17.04
C ALA B 245 -10.60 11.66 -16.91
N THR B 246 -11.07 10.66 -17.65
CA THR B 246 -10.53 9.32 -17.51
C THR B 246 -9.86 8.93 -18.82
N ALA B 247 -8.59 8.52 -18.77
CA ALA B 247 -7.89 8.16 -19.98
C ALA B 247 -7.71 6.65 -19.98
N GLY B 248 -8.72 5.94 -20.51
CA GLY B 248 -8.82 4.50 -20.42
C GLY B 248 -9.81 4.07 -19.36
N THR B 249 -11.03 4.08 -19.73
CA THR B 249 -12.09 3.69 -18.81
C THR B 249 -12.03 2.19 -18.54
N THR B 250 -12.47 1.79 -17.34
CA THR B 250 -12.27 0.41 -16.96
C THR B 250 -12.96 -0.62 -17.86
N THR B 251 -14.23 -0.40 -18.19
CA THR B 251 -14.95 -1.45 -18.91
C THR B 251 -14.55 -1.48 -20.38
N THR B 252 -14.56 -0.31 -21.02
CA THR B 252 -14.35 -0.28 -22.47
C THR B 252 -13.02 0.25 -22.92
N GLY B 253 -12.22 0.79 -22.01
CA GLY B 253 -10.89 1.26 -22.35
C GLY B 253 -10.91 2.55 -23.15
N ASN B 254 -11.98 3.36 -23.04
CA ASN B 254 -12.02 4.57 -23.87
C ASN B 254 -11.36 5.77 -23.21
N ILE B 255 -11.02 6.77 -24.03
CA ILE B 255 -10.29 7.92 -23.51
C ILE B 255 -11.13 9.17 -23.70
N ASP B 256 -11.41 9.88 -22.60
CA ASP B 256 -12.14 11.14 -22.61
C ASP B 256 -11.37 12.17 -23.45
N PRO B 257 -12.07 13.12 -24.06
CA PRO B 257 -11.40 14.21 -24.84
C PRO B 257 -10.70 15.22 -23.89
N LEU B 258 -9.44 14.92 -23.56
CA LEU B 258 -8.76 15.58 -22.44
C LEU B 258 -8.58 17.05 -22.67
N ALA B 259 -8.31 17.41 -23.93
CA ALA B 259 -8.11 18.83 -24.23
C ALA B 259 -9.39 19.67 -24.01
N GLU B 260 -10.53 19.19 -24.50
N GLU B 260 -10.51 19.15 -24.46
CA GLU B 260 -11.80 19.95 -24.36
CA GLU B 260 -11.79 19.84 -24.29
C GLU B 260 -12.22 20.07 -22.89
C GLU B 260 -12.20 19.86 -22.81
N ILE B 261 -12.15 18.96 -22.17
N ILE B 261 -12.06 18.72 -22.14
CA ILE B 261 -12.55 18.92 -20.76
CA ILE B 261 -12.44 18.65 -20.71
C ILE B 261 -11.61 19.77 -19.90
C ILE B 261 -11.61 19.62 -19.87
N GLY B 262 -10.31 19.64 -20.13
CA GLY B 262 -9.35 20.53 -19.49
C GLY B 262 -9.68 22.00 -19.74
N ALA B 263 -10.01 22.35 -20.98
CA ALA B 263 -10.38 23.74 -21.31
C ALA B 263 -11.59 24.17 -20.47
N ILE B 264 -12.54 23.26 -20.30
CA ILE B 264 -13.76 23.59 -19.55
C ILE B 264 -13.37 23.73 -18.05
N ALA B 265 -12.58 22.81 -17.54
CA ALA B 265 -12.13 22.91 -16.15
C ALA B 265 -11.43 24.26 -15.89
N ARG B 266 -10.49 24.64 -16.76
CA ARG B 266 -9.77 25.92 -16.59
C ARG B 266 -10.67 27.16 -16.71
N GLU B 267 -11.64 27.13 -17.62
CA GLU B 267 -12.60 28.25 -17.74
C GLU B 267 -13.32 28.54 -16.43
N HIS B 268 -13.61 27.47 -15.71
CA HIS B 268 -14.41 27.54 -14.49
C HIS B 268 -13.60 27.46 -13.20
N GLY B 269 -12.29 27.55 -13.33
CA GLY B 269 -11.42 27.52 -12.17
C GLY B 269 -11.41 26.24 -11.37
N LEU B 270 -11.65 25.10 -12.02
CA LEU B 270 -11.73 23.79 -11.35
C LEU B 270 -10.44 23.04 -11.50
N TRP B 271 -10.03 22.36 -10.45
CA TRP B 271 -8.92 21.43 -10.53
C TRP B 271 -9.15 20.39 -11.63
N PHE B 272 -8.13 20.15 -12.45
CA PHE B 272 -8.29 19.18 -13.54
C PHE B 272 -7.43 17.97 -13.25
N HIS B 273 -8.09 16.88 -12.87
CA HIS B 273 -7.43 15.61 -12.61
C HIS B 273 -7.65 14.66 -13.77
N VAL B 274 -6.59 14.03 -14.25
CA VAL B 274 -6.80 12.97 -15.23
C VAL B 274 -6.48 11.61 -14.59
N ASP B 275 -7.48 10.75 -14.57
CA ASP B 275 -7.26 9.36 -14.15
C ASP B 275 -6.78 8.55 -15.36
N ALA B 276 -5.47 8.47 -15.49
CA ALA B 276 -4.83 7.73 -16.56
C ALA B 276 -4.26 6.45 -16.04
N ALA B 277 -4.94 5.86 -15.06
CA ALA B 277 -4.46 4.60 -14.45
C ALA B 277 -4.00 3.61 -15.54
N TYR B 278 -4.85 3.42 -16.57
CA TYR B 278 -4.52 2.44 -17.60
C TYR B 278 -3.88 3.13 -18.79
N GLY B 279 -4.55 4.13 -19.33
CA GLY B 279 -4.11 4.71 -20.59
C GLY B 279 -2.89 5.61 -20.53
N GLY B 280 -2.46 5.93 -19.31
CA GLY B 280 -1.24 6.70 -19.16
C GLY B 280 -0.04 6.05 -19.80
N ALA B 281 -0.06 4.71 -19.95
CA ALA B 281 1.08 3.99 -20.53
C ALA B 281 1.36 4.44 -21.97
N LEU B 282 0.38 5.07 -22.61
CA LEU B 282 0.58 5.52 -23.99
C LEU B 282 1.71 6.56 -24.11
N VAL B 283 2.09 7.22 -23.01
CA VAL B 283 3.21 8.16 -23.13
C VAL B 283 4.50 7.46 -23.52
N PHE B 284 4.55 6.13 -23.43
CA PHE B 284 5.71 5.39 -23.92
C PHE B 284 5.61 5.01 -25.39
N SER B 285 4.57 5.45 -26.11
CA SER B 285 4.38 5.11 -27.53
C SER B 285 4.33 6.37 -28.41
N GLU B 286 5.38 6.66 -29.18
CA GLU B 286 5.33 7.80 -30.12
C GLU B 286 4.13 7.65 -31.06
N ARG B 287 3.86 6.44 -31.49
CA ARG B 287 2.73 6.19 -32.38
C ARG B 287 1.33 6.43 -31.80
N HIS B 288 1.13 6.23 -30.49
CA HIS B 288 -0.21 6.32 -29.93
C HIS B 288 -0.41 7.47 -28.94
N ARG B 289 0.64 8.20 -28.56
CA ARG B 289 0.45 9.15 -27.45
C ARG B 289 -0.35 10.42 -27.81
N TRP B 290 -0.52 10.68 -29.11
CA TRP B 290 -1.45 11.73 -29.52
C TRP B 290 -2.84 11.54 -28.91
N ARG B 291 -3.18 10.30 -28.57
CA ARG B 291 -4.47 10.03 -27.98
C ARG B 291 -4.65 10.76 -26.65
N LEU B 292 -3.55 11.11 -26.02
CA LEU B 292 -3.59 11.80 -24.73
C LEU B 292 -3.45 13.31 -24.82
N ALA B 293 -3.55 13.90 -26.04
CA ALA B 293 -3.38 15.34 -26.21
C ALA B 293 -4.25 16.07 -25.19
N GLY B 294 -3.69 17.04 -24.47
CA GLY B 294 -4.44 17.76 -23.45
C GLY B 294 -4.03 17.31 -22.04
N ILE B 295 -3.49 16.12 -21.92
CA ILE B 295 -3.11 15.62 -20.56
C ILE B 295 -1.99 16.50 -19.93
N GLU B 296 -1.22 17.16 -20.79
CA GLU B 296 -0.06 17.94 -20.34
C GLU B 296 -0.47 19.15 -19.51
N GLN B 297 -1.74 19.56 -19.58
CA GLN B 297 -2.26 20.68 -18.82
C GLN B 297 -2.93 20.28 -17.49
N ALA B 298 -2.91 18.98 -17.19
CA ALA B 298 -3.61 18.50 -15.98
C ALA B 298 -2.94 19.08 -14.73
N ASP B 299 -3.72 19.34 -13.69
CA ASP B 299 -3.16 19.70 -12.40
C ASP B 299 -2.61 18.45 -11.72
N SER B 300 -3.26 17.31 -11.96
CA SER B 300 -2.76 16.03 -11.40
C SER B 300 -3.10 14.88 -12.38
N ILE B 301 -2.31 13.81 -12.31
CA ILE B 301 -2.51 12.62 -13.11
C ILE B 301 -2.32 11.41 -12.20
N THR B 302 -3.23 10.45 -12.33
CA THR B 302 -3.04 9.11 -11.76
C THR B 302 -2.55 8.18 -12.88
N PHE B 303 -1.52 7.37 -12.61
CA PHE B 303 -1.02 6.44 -13.61
C PHE B 303 -0.57 5.15 -12.91
N ASN B 304 -0.96 3.98 -13.45
CA ASN B 304 -0.65 2.67 -12.81
C ASN B 304 0.24 1.76 -13.68
N PRO B 305 1.57 1.82 -13.49
CA PRO B 305 2.42 0.86 -14.20
C PRO B 305 2.01 -0.60 -13.95
N GLN B 306 1.32 -0.88 -12.84
CA GLN B 306 0.93 -2.27 -12.59
C GLN B 306 -0.05 -2.82 -13.63
N TRP B 308 -0.67 -1.52 -17.65
CA TRP B 308 -0.12 -1.72 -18.98
C TRP B 308 1.42 -1.64 -19.09
N LEU B 309 2.12 -1.42 -17.96
CA LEU B 309 3.60 -1.56 -17.98
C LEU B 309 4.09 -2.85 -17.32
N TYR B 310 3.16 -3.72 -16.95
CA TYR B 310 3.47 -5.11 -16.55
C TYR B 310 4.27 -5.19 -15.23
N VAL B 311 4.13 -4.17 -14.39
CA VAL B 311 4.86 -4.21 -13.12
C VAL B 311 3.98 -4.94 -12.11
N ALA B 312 4.54 -5.96 -11.43
CA ALA B 312 3.74 -6.71 -10.45
C ALA B 312 3.04 -5.77 -9.49
N LYS B 313 1.78 -6.08 -9.17
CA LYS B 313 1.00 -5.23 -8.25
C LYS B 313 1.71 -5.13 -6.90
N THR B 314 1.61 -3.99 -6.20
CA THR B 314 1.03 -2.76 -6.73
C THR B 314 2.11 -1.84 -7.23
N CYS B 315 1.75 -1.01 -8.20
CA CYS B 315 2.63 0.04 -8.63
C CYS B 315 1.77 1.12 -9.29
N ALA B 316 1.67 2.29 -8.65
CA ALA B 316 0.77 3.34 -9.13
C ALA B 316 1.36 4.64 -8.62
N VAL B 318 0.62 9.20 -8.23
CA VAL B 318 -0.08 10.43 -8.52
C VAL B 318 0.98 11.48 -8.82
N LEU B 319 0.83 12.18 -9.94
CA LEU B 319 1.75 13.22 -10.34
C LEU B 319 1.02 14.56 -10.24
N PHE B 320 1.76 15.58 -9.86
CA PHE B 320 1.22 16.96 -9.78
C PHE B 320 2.00 17.85 -10.67
N ARG B 321 1.33 18.75 -11.41
CA ARG B 321 2.07 19.66 -12.26
C ARG B 321 2.91 20.61 -11.41
N ASP B 322 2.45 20.91 -10.21
CA ASP B 322 3.25 21.63 -9.21
C ASP B 322 3.40 20.82 -7.91
N ALA B 323 4.54 20.20 -7.76
CA ALA B 323 4.81 19.29 -6.64
C ALA B 323 4.75 20.03 -5.32
N GLY B 324 5.02 21.32 -5.37
CA GLY B 324 5.02 22.16 -4.19
C GLY B 324 3.64 22.18 -3.54
N VAL B 325 2.62 21.90 -4.32
CA VAL B 325 1.27 21.94 -3.81
C VAL B 325 1.12 20.96 -2.64
N LEU B 326 1.90 19.88 -2.66
CA LEU B 326 1.89 18.91 -1.57
C LEU B 326 2.36 19.47 -0.21
N GLU B 327 3.36 20.34 -0.25
CA GLU B 327 3.74 21.11 0.93
C GLU B 327 2.69 22.13 1.38
N ARG B 328 2.10 22.84 0.42
CA ARG B 328 1.07 23.84 0.67
C ARG B 328 -0.30 23.36 1.12
N ALA B 329 -0.75 22.27 0.54
CA ALA B 329 -2.12 21.83 0.72
C ALA B 329 -2.28 20.34 0.95
N PHE B 330 -1.34 19.74 1.66
CA PHE B 330 -1.44 18.35 2.03
C PHE B 330 -0.67 18.10 3.32
N ARG B 331 0.55 18.26 3.30
N ARG B 331 0.55 18.27 3.30
CA ARG B 331 1.39 17.94 4.46
CA ARG B 331 1.41 18.02 4.45
C ARG B 331 0.88 18.58 5.76
C ARG B 331 0.85 18.59 5.76
N ILE B 332 0.75 17.89 6.77
CA ILE B 332 0.23 18.36 8.03
C ILE B 332 1.24 19.22 8.79
N PRO B 333 0.72 20.13 9.60
CA PRO B 333 1.55 21.01 10.43
C PRO B 333 2.53 20.24 11.28
N ALA B 334 3.72 20.81 11.45
CA ALA B 334 4.71 20.23 12.37
C ALA B 334 4.17 20.23 13.80
N PHE B 343 15.40 17.71 0.38
CA PHE B 343 14.57 16.56 0.02
C PHE B 343 13.45 16.38 1.03
N ILE B 344 12.26 16.02 0.56
CA ILE B 344 11.15 15.89 1.48
C ILE B 344 10.92 14.41 1.79
N ASN B 345 10.91 14.03 3.06
CA ASN B 345 10.50 12.67 3.44
C ASN B 345 9.17 12.30 2.77
N LEU B 346 9.12 11.19 2.06
CA LEU B 346 7.95 10.92 1.23
C LEU B 346 6.67 10.69 2.04
N GLY B 347 6.82 10.13 3.23
CA GLY B 347 5.68 9.87 4.11
C GLY B 347 4.89 11.14 4.44
N GLU B 348 5.56 12.28 4.46
CA GLU B 348 4.90 13.56 4.77
C GLU B 348 3.98 14.00 3.64
N ILE B 349 4.22 13.49 2.44
CA ILE B 349 3.44 13.96 1.31
C ILE B 349 2.74 12.86 0.55
N GLY B 350 2.41 11.77 1.24
CA GLY B 350 1.53 10.76 0.68
C GLY B 350 0.44 10.38 1.70
N VAL B 351 -0.59 9.70 1.24
CA VAL B 351 -1.61 9.16 2.14
C VAL B 351 -0.98 8.13 3.09
N GLN B 352 -0.17 7.23 2.54
CA GLN B 352 0.57 6.29 3.36
C GLN B 352 1.71 6.96 4.06
N GLY B 353 2.15 6.38 5.17
CA GLY B 353 3.41 6.75 5.83
C GLY B 353 4.46 5.74 5.39
N THR B 354 4.59 4.64 6.12
CA THR B 354 5.45 3.54 5.71
C THR B 354 4.94 3.02 4.39
N ARG B 355 5.85 2.71 3.48
CA ARG B 355 5.48 2.16 2.20
C ARG B 355 6.54 1.19 1.72
N HIS B 356 6.07 0.17 1.05
CA HIS B 356 6.93 -0.80 0.38
C HIS B 356 7.69 -0.09 -0.72
N ALA B 357 8.90 -0.54 -1.01
CA ALA B 357 9.72 0.09 -2.02
C ALA B 357 9.35 -0.37 -3.43
N ASP B 358 8.22 0.11 -3.92
CA ASP B 358 7.76 -0.22 -5.26
C ASP B 358 8.70 0.29 -6.33
N VAL B 359 9.49 1.29 -6.01
CA VAL B 359 10.38 1.87 -6.99
C VAL B 359 11.38 0.86 -7.55
N VAL B 360 11.79 -0.12 -6.75
CA VAL B 360 12.75 -1.09 -7.23
C VAL B 360 12.24 -1.91 -8.41
N LYS B 361 11.04 -2.46 -8.28
CA LYS B 361 10.46 -3.19 -9.40
C LYS B 361 10.18 -2.28 -10.58
N LEU B 362 9.71 -1.08 -10.31
CA LEU B 362 9.40 -0.16 -11.40
C LEU B 362 10.64 0.20 -12.18
N TRP B 363 11.70 0.56 -11.47
CA TRP B 363 12.92 1.02 -12.14
C TRP B 363 13.62 -0.11 -12.87
N LEU B 364 13.69 -1.29 -12.26
CA LEU B 364 14.32 -2.41 -12.96
C LEU B 364 13.52 -2.84 -14.18
N THR B 365 12.19 -2.81 -14.07
CA THR B 365 11.34 -3.20 -15.20
C THR B 365 11.45 -2.20 -16.37
N LEU B 366 11.37 -0.90 -16.05
CA LEU B 366 11.52 0.14 -17.08
C LEU B 366 12.87 0.01 -17.78
N GLN B 367 13.93 -0.27 -17.02
CA GLN B 367 15.23 -0.44 -17.63
C GLN B 367 15.33 -1.69 -18.49
N HIS B 368 14.75 -2.78 -18.05
CA HIS B 368 14.87 -4.03 -18.79
C HIS B 368 14.09 -3.95 -20.11
N ILE B 369 12.90 -3.38 -20.06
CA ILE B 369 12.05 -3.39 -21.26
C ILE B 369 12.33 -2.17 -22.15
N GLY B 370 12.57 -1.01 -21.55
CA GLY B 370 12.89 0.21 -22.29
C GLY B 370 11.66 0.81 -22.96
N GLN B 371 11.72 2.09 -23.33
CA GLN B 371 10.58 2.68 -24.06
C GLN B 371 10.33 1.96 -25.39
N GLN B 372 11.39 1.51 -26.05
CA GLN B 372 11.24 0.80 -27.33
C GLN B 372 10.44 -0.47 -27.12
N GLY B 373 10.70 -1.14 -26.00
CA GLY B 373 10.01 -2.39 -25.68
C GLY B 373 8.53 -2.14 -25.42
N TYR B 374 8.22 -1.10 -24.66
CA TYR B 374 6.83 -0.78 -24.42
C TYR B 374 6.10 -0.30 -25.67
N ALA B 375 6.78 0.45 -26.54
CA ALA B 375 6.14 0.90 -27.78
C ALA B 375 5.70 -0.32 -28.57
N ARG B 376 6.54 -1.35 -28.55
CA ARG B 376 6.24 -2.60 -29.25
C ARG B 376 5.06 -3.33 -28.62
N LEU B 377 5.10 -3.46 -27.29
CA LEU B 377 4.05 -4.17 -26.55
C LEU B 377 2.70 -3.50 -26.77
N ILE B 378 2.69 -2.18 -26.63
CA ILE B 378 1.48 -1.40 -26.86
C ILE B 378 0.94 -1.57 -28.31
N ASP B 379 1.79 -1.41 -29.31
N ASP B 379 1.77 -1.40 -29.33
CA ASP B 379 1.32 -1.55 -30.69
CA ASP B 379 1.23 -1.51 -30.69
C ASP B 379 0.78 -2.95 -30.93
C ASP B 379 0.76 -2.96 -30.95
N ASP B 380 1.45 -3.95 -30.38
CA ASP B 380 0.97 -5.33 -30.55
C ASP B 380 -0.41 -5.54 -29.86
N GLY B 381 -0.64 -4.86 -28.74
CA GLY B 381 -1.94 -4.87 -28.07
C GLY B 381 -3.04 -4.29 -28.97
N TYR B 382 -2.75 -3.12 -29.54
CA TYR B 382 -3.67 -2.52 -30.51
C TYR B 382 -3.93 -3.45 -31.67
N ARG B 383 -2.89 -4.09 -32.20
CA ARG B 383 -3.09 -4.96 -33.36
C ARG B 383 -3.97 -6.15 -33.01
N LEU B 384 -3.79 -6.73 -31.83
CA LEU B 384 -4.61 -7.85 -31.43
C LEU B 384 -6.07 -7.41 -31.15
N ALA B 385 -6.21 -6.23 -30.57
CA ALA B 385 -7.54 -5.68 -30.30
C ALA B 385 -8.27 -5.42 -31.61
N GLU B 386 -7.53 -5.00 -32.62
CA GLU B 386 -8.15 -4.70 -33.91
C GLU B 386 -8.60 -5.98 -34.62
N ARG B 387 -7.90 -7.07 -34.34
CA ARG B 387 -8.32 -8.36 -34.86
C ARG B 387 -9.69 -8.80 -34.23
N VAL B 388 -9.83 -8.59 -32.93
CA VAL B 388 -11.09 -8.84 -32.24
C VAL B 388 -12.19 -7.94 -32.82
N VAL B 389 -11.86 -6.67 -33.02
CA VAL B 389 -12.84 -5.73 -33.58
C VAL B 389 -13.31 -6.23 -34.95
N GLU B 390 -12.36 -6.69 -35.78
CA GLU B 390 -12.73 -7.15 -37.15
C GLU B 390 -13.61 -8.38 -37.08
N GLY B 391 -13.27 -9.31 -36.18
CA GLY B 391 -14.07 -10.50 -35.95
C GLY B 391 -15.50 -10.17 -35.53
N VAL B 392 -15.66 -9.19 -34.64
CA VAL B 392 -16.98 -8.78 -34.21
C VAL B 392 -17.78 -8.15 -35.35
N ARG B 393 -17.12 -7.33 -36.16
CA ARG B 393 -17.83 -6.68 -37.27
C ARG B 393 -18.33 -7.65 -38.33
N GLN B 394 -17.55 -8.70 -38.57
CA GLN B 394 -17.90 -9.69 -39.57
C GLN B 394 -19.06 -10.56 -39.14
N ARG B 395 -19.37 -10.58 -37.86
CA ARG B 395 -20.47 -11.39 -37.41
C ARG B 395 -21.68 -10.54 -37.00
N PRO B 396 -22.83 -10.80 -37.77
CA PRO B 396 -23.97 -9.93 -37.44
C PRO B 396 -24.51 -10.09 -36.03
N PHE B 397 -24.43 -11.29 -35.48
CA PHE B 397 -24.93 -11.55 -34.13
C PHE B 397 -24.08 -10.94 -32.99
N LEU B 398 -22.89 -10.45 -33.30
CA LEU B 398 -22.01 -9.82 -32.29
C LEU B 398 -21.93 -8.32 -32.51
N ARG B 399 -22.10 -7.55 -31.44
CA ARG B 399 -22.08 -6.11 -31.51
C ARG B 399 -20.99 -5.49 -30.62
N LEU B 400 -20.26 -4.54 -31.18
CA LEU B 400 -19.30 -3.75 -30.45
C LEU B 400 -19.96 -2.77 -29.50
N ALA B 401 -19.36 -2.53 -28.35
CA ALA B 401 -19.82 -1.50 -27.44
C ALA B 401 -19.71 -0.09 -28.03
N GLY B 402 -18.61 0.15 -28.73
CA GLY B 402 -18.38 1.40 -29.43
C GLY B 402 -17.00 1.32 -30.04
N GLU B 403 -16.47 2.44 -30.48
CA GLU B 403 -15.11 2.53 -30.98
C GLU B 403 -14.16 2.20 -29.84
N ILE B 404 -12.99 1.66 -30.17
CA ILE B 404 -11.97 1.37 -29.16
C ILE B 404 -10.85 2.40 -29.19
N ASP B 405 -10.33 2.73 -28.02
CA ASP B 405 -9.25 3.71 -27.88
C ASP B 405 -7.94 3.09 -27.42
N THR B 406 -8.03 1.91 -26.83
CA THR B 406 -6.90 1.17 -26.24
C THR B 406 -7.00 -0.31 -26.62
N ASN B 407 -6.17 -1.16 -26.07
CA ASN B 407 -6.19 -2.56 -26.44
C ASN B 407 -7.25 -3.32 -25.66
N ILE B 408 -8.45 -2.75 -25.61
CA ILE B 408 -9.56 -3.33 -24.91
C ILE B 408 -10.77 -3.31 -25.82
N VAL B 409 -11.44 -4.43 -25.90
CA VAL B 409 -12.65 -4.57 -26.70
C VAL B 409 -13.79 -5.19 -25.93
N CYS B 410 -14.88 -4.44 -25.87
CA CYS B 410 -16.06 -4.87 -25.18
C CYS B 410 -17.13 -5.10 -26.24
N PHE B 411 -17.73 -6.29 -26.23
CA PHE B 411 -18.65 -6.71 -27.26
C PHE B 411 -19.63 -7.72 -26.69
N ARG B 412 -20.72 -7.98 -27.38
CA ARG B 412 -21.65 -9.00 -26.90
C ARG B 412 -22.48 -9.58 -28.01
N GLY B 413 -23.06 -10.73 -27.74
CA GLY B 413 -24.00 -11.32 -28.65
C GLY B 413 -25.31 -10.61 -28.49
N GLU B 414 -25.93 -10.25 -29.61
CA GLU B 414 -27.32 -9.83 -29.61
C GLU B 414 -28.06 -10.63 -30.67
N PRO B 415 -28.19 -11.96 -30.47
CA PRO B 415 -28.70 -12.79 -31.58
C PRO B 415 -30.18 -12.51 -31.91
N ASP B 416 -30.48 -12.25 -33.17
CA ASP B 416 -31.84 -11.82 -33.55
C ASP B 416 -32.84 -12.98 -33.53
N TRP B 417 -32.36 -14.20 -33.39
CA TRP B 417 -33.24 -15.37 -33.34
C TRP B 417 -33.65 -15.69 -31.91
N LEU B 418 -33.20 -14.86 -30.98
CA LEU B 418 -33.45 -15.03 -29.55
C LEU B 418 -34.08 -13.77 -29.01
N PRO B 419 -35.03 -13.90 -28.05
CA PRO B 419 -35.61 -12.70 -27.43
C PRO B 419 -34.54 -11.92 -26.68
N ALA B 420 -34.64 -10.59 -26.69
CA ALA B 420 -33.62 -9.76 -26.05
C ALA B 420 -33.50 -10.10 -24.57
N GLU B 421 -34.59 -10.51 -23.93
CA GLU B 421 -34.49 -10.84 -22.51
C GLU B 421 -33.61 -12.08 -22.26
N ARG B 422 -33.26 -12.81 -23.32
CA ARG B 422 -32.41 -14.01 -23.15
C ARG B 422 -30.93 -13.71 -23.44
N TRP B 423 -30.61 -12.51 -23.92
CA TRP B 423 -29.22 -12.20 -24.31
C TRP B 423 -28.19 -12.21 -23.17
N ASP B 424 -28.56 -11.74 -21.99
CA ASP B 424 -27.61 -11.81 -20.88
C ASP B 424 -27.21 -13.27 -20.62
N ASP B 425 -28.20 -14.18 -20.64
CA ASP B 425 -27.93 -15.60 -20.38
C ASP B 425 -27.09 -16.20 -21.50
N TRP B 426 -27.36 -15.77 -22.73
CA TRP B 426 -26.59 -16.24 -23.89
C TRP B 426 -25.13 -15.82 -23.75
N ASN B 427 -24.89 -14.56 -23.39
CA ASN B 427 -23.53 -14.09 -23.23
C ASN B 427 -22.81 -14.73 -22.03
N ALA B 428 -23.53 -14.86 -20.92
CA ALA B 428 -22.99 -15.59 -19.76
C ALA B 428 -22.63 -17.03 -20.14
N ALA B 429 -23.51 -17.72 -20.87
CA ALA B 429 -23.24 -19.12 -21.26
C ALA B 429 -22.00 -19.20 -22.16
N LEU B 430 -21.87 -18.21 -23.05
CA LEU B 430 -20.73 -18.18 -23.97
C LEU B 430 -19.42 -17.94 -23.18
N GLN B 431 -19.46 -17.03 -22.22
CA GLN B 431 -18.24 -16.76 -21.46
C GLN B 431 -17.83 -18.05 -20.73
N ALA B 432 -18.81 -18.75 -20.18
CA ALA B 432 -18.54 -19.95 -19.39
C ALA B 432 -17.96 -21.04 -20.29
N LEU B 433 -18.46 -21.11 -21.52
CA LEU B 433 -18.04 -22.15 -22.45
C LEU B 433 -16.64 -21.86 -22.99
N LEU B 434 -16.39 -20.60 -23.35
CA LEU B 434 -15.05 -20.20 -23.80
C LEU B 434 -14.00 -20.59 -22.75
N LEU B 435 -14.34 -20.39 -21.47
CA LEU B 435 -13.40 -20.69 -20.38
C LEU B 435 -13.27 -22.18 -20.14
N ARG B 436 -14.40 -22.85 -19.94
CA ARG B 436 -14.44 -24.27 -19.66
C ARG B 436 -13.85 -25.13 -20.77
N GLU B 437 -14.31 -24.94 -22.01
CA GLU B 437 -13.84 -25.80 -23.11
C GLU B 437 -12.67 -25.20 -23.86
N GLY B 438 -12.66 -23.87 -24.03
CA GLY B 438 -11.62 -23.25 -24.82
C GLY B 438 -10.39 -22.83 -24.02
N LYS B 439 -10.52 -22.78 -22.69
CA LYS B 439 -9.46 -22.21 -21.82
C LYS B 439 -9.12 -20.78 -22.23
N ILE B 440 -10.15 -20.05 -22.64
CA ILE B 440 -10.01 -18.65 -22.99
C ILE B 440 -10.87 -17.84 -22.03
N PHE B 441 -10.25 -16.91 -21.32
CA PHE B 441 -10.95 -16.12 -20.31
C PHE B 441 -11.27 -14.70 -20.77
N LEU B 442 -12.57 -14.43 -20.98
CA LEU B 442 -13.07 -13.06 -21.16
C LEU B 442 -13.77 -12.64 -19.86
N SER B 443 -13.79 -11.36 -19.50
CA SER B 443 -14.62 -10.98 -18.35
C SER B 443 -16.05 -10.70 -18.86
N LEU B 444 -16.98 -10.59 -17.91
CA LEU B 444 -18.38 -10.35 -18.25
C LEU B 444 -18.99 -9.21 -17.41
N PRO B 445 -18.55 -7.98 -17.65
CA PRO B 445 -19.05 -6.82 -16.91
C PRO B 445 -20.51 -6.56 -17.16
N VAL B 446 -21.14 -5.87 -16.22
CA VAL B 446 -22.40 -5.23 -16.49
C VAL B 446 -22.09 -3.89 -17.15
N TYR B 447 -22.72 -3.64 -18.27
CA TYR B 447 -22.54 -2.37 -18.94
C TYR B 447 -23.85 -2.00 -19.61
N ARG B 448 -24.26 -0.75 -19.43
CA ARG B 448 -25.51 -0.29 -20.02
C ARG B 448 -26.65 -1.24 -19.69
N GLY B 449 -26.61 -1.75 -18.47
CA GLY B 449 -27.68 -2.56 -17.94
C GLY B 449 -27.78 -3.96 -18.51
N GLY B 450 -26.74 -4.40 -19.23
CA GLY B 450 -26.73 -5.75 -19.75
C GLY B 450 -25.37 -6.42 -19.49
N ARG B 451 -25.25 -7.70 -19.81
CA ARG B 451 -23.95 -8.40 -19.70
C ARG B 451 -23.21 -8.36 -21.02
N TRP B 452 -22.00 -7.85 -21.01
CA TRP B 452 -21.12 -7.76 -22.18
C TRP B 452 -19.86 -8.58 -21.95
N LEU B 453 -19.28 -9.09 -23.03
CA LEU B 453 -17.96 -9.72 -22.96
C LEU B 453 -16.89 -8.65 -23.04
N ARG B 454 -15.76 -8.93 -22.42
CA ARG B 454 -14.73 -7.93 -22.41
C ARG B 454 -13.37 -8.59 -22.56
N ALA B 455 -12.65 -8.16 -23.60
CA ALA B 455 -11.31 -8.63 -23.91
C ALA B 455 -10.29 -7.54 -23.60
N VAL B 456 -9.27 -7.87 -22.80
CA VAL B 456 -8.17 -6.93 -22.53
C VAL B 456 -6.90 -7.61 -23.06
N LEU B 457 -6.33 -7.11 -24.14
CA LEU B 457 -5.31 -7.87 -24.86
C LEU B 457 -3.91 -7.49 -24.36
N LEU B 458 -3.55 -8.02 -23.19
CA LEU B 458 -2.28 -7.69 -22.51
C LEU B 458 -1.19 -8.75 -22.54
N ASN B 459 -1.55 -10.04 -22.46
CA ASN B 459 -0.54 -11.08 -22.38
C ASN B 459 0.34 -11.04 -23.64
N PRO B 460 1.67 -10.89 -23.46
CA PRO B 460 2.51 -10.77 -24.67
C PRO B 460 2.56 -12.07 -25.45
N TYR B 461 2.12 -13.17 -24.82
CA TYR B 461 2.11 -14.45 -25.52
C TYR B 461 0.77 -14.83 -26.12
N THR B 462 -0.27 -14.00 -25.97
CA THR B 462 -1.50 -14.20 -26.70
C THR B 462 -1.24 -13.97 -28.19
N THR B 463 -1.64 -14.91 -29.03
CA THR B 463 -1.44 -14.78 -30.49
C THR B 463 -2.73 -14.64 -31.27
N ASP B 464 -2.59 -14.36 -32.56
CA ASP B 464 -3.72 -14.35 -33.49
C ASP B 464 -4.48 -15.66 -33.40
N ALA B 465 -3.73 -16.74 -33.22
CA ALA B 465 -4.30 -18.07 -33.20
C ALA B 465 -5.27 -18.21 -32.02
N VAL B 466 -4.98 -17.53 -30.91
CA VAL B 466 -5.88 -17.62 -29.76
C VAL B 466 -7.18 -16.89 -30.10
N ILE B 467 -7.07 -15.72 -30.72
CA ILE B 467 -8.24 -14.96 -31.07
C ILE B 467 -9.04 -15.73 -32.09
N ASP B 468 -8.36 -16.35 -33.05
CA ASP B 468 -9.09 -17.09 -34.07
C ASP B 468 -9.80 -18.28 -33.46
N ALA B 469 -9.17 -18.89 -32.46
CA ALA B 469 -9.80 -20.00 -31.76
C ALA B 469 -11.05 -19.52 -30.99
N PHE B 471 -13.11 -17.15 -31.77
CA PHE B 471 -14.18 -16.88 -32.75
C PHE B 471 -14.75 -18.18 -33.32
N LYS B 472 -13.89 -19.18 -33.52
CA LYS B 472 -14.35 -20.49 -33.96
C LYS B 472 -15.35 -21.06 -32.95
N GLN B 473 -14.99 -20.96 -31.69
CA GLN B 473 -15.85 -21.44 -30.62
C GLN B 473 -17.12 -20.62 -30.48
N ILE B 474 -17.00 -19.30 -30.57
CA ILE B 474 -18.20 -18.45 -30.64
C ILE B 474 -19.13 -18.86 -31.79
N ASP B 475 -18.59 -19.09 -32.99
CA ASP B 475 -19.40 -19.49 -34.12
C ASP B 475 -20.11 -20.82 -33.88
N ARG B 476 -19.38 -21.76 -33.26
CA ARG B 476 -19.97 -23.07 -33.05
C ARG B 476 -21.11 -22.92 -32.03
N PHE B 477 -20.89 -22.11 -30.97
CA PHE B 477 -21.94 -21.82 -29.99
C PHE B 477 -23.17 -21.18 -30.63
N ALA B 478 -22.94 -20.18 -31.49
CA ALA B 478 -24.03 -19.49 -32.18
C ALA B 478 -24.82 -20.40 -33.13
N GLY B 479 -24.19 -21.45 -33.67
CA GLY B 479 -24.88 -22.38 -34.55
C GLY B 479 -25.41 -23.60 -33.80
N ARG B 480 -26.33 -23.40 -32.89
CA ARG B 480 -26.95 -24.53 -32.21
C ARG B 480 -28.38 -24.22 -31.74
#